data_2C45
#
_entry.id   2C45
#
_cell.length_a   150.100
_cell.length_b   150.100
_cell.length_c   60.190
_cell.angle_alpha   90.00
_cell.angle_beta   90.00
_cell.angle_gamma   120.00
#
_symmetry.space_group_name_H-M   'P 31'
#
loop_
_entity.id
_entity.type
_entity.pdbx_description
1 polymer 'Aspartate 1-decarboxylase'
2 water water
#
_entity_poly.entity_id   1
_entity_poly.type   'polypeptide(L)'
_entity_poly.pdbx_seq_one_letter_code
;MLRTMLKSKIHRATVTCADLHYVGSVTIDADLMDAADLLEGEQVTIVDIDNGARLVTYAITGERGSGVIGINGAAAHLVH
PGDLVILIAYATMDDARARTYQPRIVFVDAYNKPIDMGHDPAFVPENAGELLDPRLGVG
;
_entity_poly.pdbx_strand_id   A,B,C,D,E,F,G,H
#
# COMPACT_ATOMS: atom_id res chain seq x y z
N MET A 1 37.12 -0.99 5.97
CA MET A 1 36.54 -2.04 6.84
C MET A 1 35.35 -1.47 7.59
N LEU A 2 34.73 -2.25 8.45
CA LEU A 2 33.62 -1.76 9.24
C LEU A 2 34.00 -1.65 10.71
N ARG A 3 33.94 -0.43 11.23
CA ARG A 3 34.26 -0.19 12.62
C ARG A 3 32.94 0.12 13.31
N THR A 4 32.84 -0.20 14.61
CA THR A 4 31.63 0.09 15.39
C THR A 4 31.84 1.38 16.15
N MET A 5 30.90 2.31 16.05
CA MET A 5 31.10 3.61 16.68
C MET A 5 29.93 4.35 17.31
N LEU A 6 30.27 5.18 18.30
CA LEU A 6 29.32 6.01 19.03
C LEU A 6 28.49 6.88 18.10
N LYS A 7 27.24 6.48 17.93
CA LYS A 7 26.31 7.18 17.07
C LYS A 7 25.49 8.18 17.90
N SER A 8 25.07 7.76 19.09
CA SER A 8 24.26 8.61 19.95
C SER A 8 24.44 8.34 21.45
N LYS A 9 24.15 9.35 22.26
CA LYS A 9 24.31 9.26 23.72
C LYS A 9 23.50 10.28 24.52
N ILE A 10 22.66 9.79 25.44
CA ILE A 10 21.87 10.66 26.30
C ILE A 10 22.64 10.76 27.62
N HIS A 11 23.35 11.88 27.79
CA HIS A 11 24.22 12.14 28.93
C HIS A 11 23.64 12.58 30.26
N ARG A 12 23.77 11.71 31.26
CA ARG A 12 23.31 11.98 32.63
C ARG A 12 21.81 12.02 32.91
N ALA A 13 21.04 11.16 32.27
CA ALA A 13 19.62 11.19 32.51
C ALA A 13 19.37 10.55 33.88
N THR A 14 18.27 10.97 34.55
CA THR A 14 17.91 10.40 35.85
C THR A 14 16.81 9.37 35.64
N VAL A 15 16.97 8.18 36.23
CA VAL A 15 15.99 7.12 36.08
C VAL A 15 14.66 7.42 36.75
N THR A 16 13.66 7.71 35.91
CA THR A 16 12.32 8.05 36.34
C THR A 16 11.62 6.99 37.18
N CYS A 17 11.35 5.84 36.55
CA CYS A 17 10.67 4.73 37.20
C CYS A 17 11.48 3.47 37.00
N ALA A 18 10.87 2.34 37.33
CA ALA A 18 11.49 1.02 37.18
C ALA A 18 10.49 -0.03 37.63
N ASP A 19 10.33 -1.06 36.80
CA ASP A 19 9.38 -2.11 37.11
C ASP A 19 9.89 -3.48 36.71
N LEU A 20 10.04 -4.37 37.69
CA LEU A 20 10.56 -5.68 37.44
C LEU A 20 9.68 -6.49 36.51
N HIS A 21 8.37 -6.45 36.69
CA HIS A 21 7.48 -7.19 35.81
C HIS A 21 7.02 -6.43 34.58
N TYR A 22 6.59 -7.16 33.56
CA TYR A 22 6.19 -6.59 32.28
C TYR A 22 7.46 -5.97 31.67
N VAL A 23 7.77 -6.31 30.42
CA VAL A 23 9.00 -5.81 29.79
C VAL A 23 8.92 -4.73 28.71
N GLY A 24 10.01 -3.96 28.62
CA GLY A 24 10.12 -2.88 27.67
C GLY A 24 11.51 -2.27 27.80
N SER A 25 12.44 -3.08 28.30
CA SER A 25 13.82 -2.63 28.44
C SER A 25 13.86 -1.25 29.03
N VAL A 26 14.24 -0.28 28.20
CA VAL A 26 14.34 1.12 28.59
C VAL A 26 13.38 1.93 27.78
N THR A 27 12.43 2.59 28.45
CA THR A 27 11.46 3.41 27.75
C THR A 27 11.94 4.85 27.89
N ILE A 28 12.23 5.50 26.78
CA ILE A 28 12.73 6.87 26.81
C ILE A 28 11.74 7.93 26.30
N ASP A 29 11.86 9.15 26.85
CA ASP A 29 11.00 10.28 26.46
C ASP A 29 11.14 10.46 24.96
N ALA A 30 10.02 10.44 24.25
CA ALA A 30 10.03 10.58 22.80
C ALA A 30 11.05 11.62 22.36
N ASP A 31 10.91 12.83 22.86
CA ASP A 31 11.80 13.95 22.53
C ASP A 31 13.25 13.56 22.62
N LEU A 32 13.58 12.80 23.65
CA LEU A 32 14.96 12.36 23.82
C LEU A 32 15.36 11.41 22.71
N MET A 33 14.48 10.49 22.33
CA MET A 33 14.82 9.53 21.29
C MET A 33 15.06 10.18 19.93
N ASP A 34 14.33 11.27 19.68
CA ASP A 34 14.48 11.98 18.41
C ASP A 34 15.71 12.85 18.53
N ALA A 35 15.85 13.49 19.69
CA ALA A 35 16.98 14.38 19.96
C ALA A 35 18.27 13.62 19.83
N ALA A 36 18.28 12.43 20.43
CA ALA A 36 19.45 11.56 20.42
C ALA A 36 19.37 10.61 19.25
N ASP A 37 18.36 10.78 18.41
CA ASP A 37 18.21 9.92 17.26
C ASP A 37 18.34 8.46 17.64
N LEU A 38 17.23 7.91 18.10
CA LEU A 38 17.16 6.52 18.51
C LEU A 38 15.81 6.06 17.97
N LEU A 39 15.74 4.82 17.49
CA LEU A 39 14.48 4.28 16.96
C LEU A 39 13.90 3.30 17.95
N GLU A 40 12.59 3.31 18.10
CA GLU A 40 11.96 2.37 19.00
C GLU A 40 12.46 1.01 18.56
N GLY A 41 13.21 0.33 19.41
CA GLY A 41 13.78 -0.95 19.04
C GLY A 41 15.17 -0.66 18.49
N GLU A 42 16.17 -0.68 19.36
CA GLU A 42 17.53 -0.38 18.97
C GLU A 42 18.42 -0.64 20.19
N GLN A 43 19.48 -1.41 19.99
CA GLN A 43 20.39 -1.75 21.08
C GLN A 43 20.90 -0.49 21.73
N VAL A 44 20.69 -0.41 23.04
CA VAL A 44 21.14 0.73 23.81
C VAL A 44 21.89 0.24 25.02
N THR A 45 22.94 0.96 25.38
CA THR A 45 23.73 0.58 26.52
C THR A 45 23.46 1.55 27.65
N ILE A 46 23.45 1.02 28.86
CA ILE A 46 23.21 1.81 30.05
C ILE A 46 24.35 1.67 31.02
N VAL A 47 24.77 2.77 31.58
CA VAL A 47 25.84 2.72 32.56
C VAL A 47 25.34 3.61 33.71
N ASP A 48 25.28 3.00 34.89
CA ASP A 48 24.77 3.66 36.10
C ASP A 48 25.85 4.34 36.92
N ILE A 49 25.88 5.67 36.87
CA ILE A 49 26.87 6.46 37.60
C ILE A 49 26.91 6.16 39.11
N ASP A 50 25.74 5.96 39.71
CA ASP A 50 25.65 5.69 41.14
C ASP A 50 26.19 4.32 41.51
N ASN A 51 26.03 3.34 40.64
CA ASN A 51 26.50 2.00 40.97
C ASN A 51 27.22 1.21 39.89
N GLY A 52 27.85 1.90 38.95
CA GLY A 52 28.59 1.22 37.91
C GLY A 52 27.98 0.01 37.21
N ALA A 53 26.67 -0.07 37.15
CA ALA A 53 26.06 -1.20 36.45
C ALA A 53 26.24 -1.05 34.93
N ARG A 54 26.03 -2.12 34.17
CA ARG A 54 26.18 -2.05 32.73
C ARG A 54 25.28 -3.07 32.00
N LEU A 55 24.33 -2.55 31.21
CA LEU A 55 23.38 -3.39 30.48
C LEU A 55 23.35 -3.10 28.99
N VAL A 56 22.80 -4.05 28.24
CA VAL A 56 22.68 -3.87 26.82
C VAL A 56 21.25 -4.30 26.52
N THR A 57 20.47 -3.40 25.94
CA THR A 57 19.08 -3.71 25.63
C THR A 57 18.50 -2.81 24.54
N TYR A 58 17.24 -3.02 24.18
CA TYR A 58 16.59 -2.18 23.17
C TYR A 58 15.95 -0.95 23.82
N ALA A 59 15.49 0.00 23.03
CA ALA A 59 14.89 1.20 23.58
C ALA A 59 13.44 1.32 23.19
N ILE A 60 12.61 1.76 24.12
CA ILE A 60 11.18 1.94 23.88
C ILE A 60 10.73 3.39 24.01
N THR A 61 10.01 3.87 23.00
CA THR A 61 9.50 5.24 22.98
C THR A 61 8.45 5.55 24.04
N GLY A 62 8.80 6.41 25.00
CA GLY A 62 7.89 6.80 26.06
C GLY A 62 7.19 8.10 25.70
N GLU A 63 6.37 8.64 26.60
CA GLU A 63 5.65 9.88 26.33
C GLU A 63 6.55 11.11 26.32
N ARG A 64 6.19 12.13 25.54
CA ARG A 64 6.98 13.35 25.43
C ARG A 64 6.95 14.27 26.65
N GLY A 65 8.08 14.92 26.91
CA GLY A 65 8.14 15.84 28.04
C GLY A 65 8.00 15.18 29.39
N SER A 66 7.44 13.98 29.42
CA SER A 66 7.26 13.27 30.66
C SER A 66 8.63 13.02 31.26
N GLY A 67 9.67 13.29 30.45
CA GLY A 67 11.02 13.07 30.93
C GLY A 67 11.16 11.65 31.42
N VAL A 68 10.38 10.74 30.82
CA VAL A 68 10.40 9.33 31.21
C VAL A 68 11.73 8.66 30.88
N ILE A 69 12.17 7.76 31.76
CA ILE A 69 13.39 7.00 31.58
C ILE A 69 13.22 5.80 32.49
N GLY A 70 12.47 4.83 32.00
CA GLY A 70 12.20 3.63 32.78
C GLY A 70 12.93 2.37 32.34
N ILE A 71 13.22 1.52 33.32
CA ILE A 71 13.93 0.25 33.12
C ILE A 71 12.96 -0.87 33.41
N ASN A 72 12.44 -1.51 32.37
CA ASN A 72 11.47 -2.56 32.55
C ASN A 72 12.02 -3.97 32.53
N GLY A 73 11.79 -4.69 33.63
CA GLY A 73 12.20 -6.09 33.75
C GLY A 73 13.66 -6.48 33.66
N ALA A 74 14.10 -7.26 34.64
CA ALA A 74 15.47 -7.75 34.71
C ALA A 74 16.42 -6.60 35.02
N ALA A 75 16.59 -5.71 34.05
CA ALA A 75 17.47 -4.57 34.23
C ALA A 75 16.95 -3.79 35.39
N ALA A 76 15.78 -4.17 35.87
CA ALA A 76 15.19 -3.50 37.01
C ALA A 76 16.10 -3.75 38.24
N HIS A 77 16.92 -4.79 38.15
CA HIS A 77 17.88 -5.01 39.22
C HIS A 77 19.01 -4.17 38.60
N LEU A 78 20.21 -4.22 39.15
CA LEU A 78 21.33 -3.44 38.59
C LEU A 78 21.08 -1.90 38.53
N VAL A 79 20.12 -1.48 37.73
CA VAL A 79 19.81 -0.06 37.56
C VAL A 79 18.53 0.31 38.31
N HIS A 80 18.53 1.45 39.00
CA HIS A 80 17.37 1.84 39.77
C HIS A 80 16.90 3.29 39.61
N PRO A 81 15.70 3.62 40.10
CA PRO A 81 15.18 4.98 39.99
C PRO A 81 16.12 5.90 40.75
N GLY A 82 16.11 7.17 40.40
CA GLY A 82 16.98 8.13 41.07
C GLY A 82 18.44 7.94 40.72
N ASP A 83 18.70 7.02 39.80
CA ASP A 83 20.05 6.75 39.39
C ASP A 83 20.43 7.58 38.17
N LEU A 84 21.61 8.18 38.21
CA LEU A 84 22.07 8.94 37.07
C LEU A 84 22.73 7.90 36.21
N VAL A 85 22.17 7.66 35.03
CA VAL A 85 22.76 6.70 34.11
C VAL A 85 23.14 7.38 32.79
N ILE A 86 23.72 6.61 31.88
CA ILE A 86 24.09 7.15 30.59
C ILE A 86 23.65 6.15 29.55
N LEU A 87 23.04 6.63 28.48
CA LEU A 87 22.55 5.75 27.42
C LEU A 87 23.47 5.90 26.23
N ILE A 88 23.87 4.79 25.66
CA ILE A 88 24.76 4.86 24.52
C ILE A 88 24.33 3.89 23.42
N ALA A 89 24.40 4.36 22.18
CA ALA A 89 24.03 3.54 21.06
C ALA A 89 25.12 3.70 20.03
N TYR A 90 25.77 2.59 19.70
CA TYR A 90 26.84 2.60 18.73
C TYR A 90 26.26 2.40 17.32
N ALA A 91 27.08 1.87 16.43
CA ALA A 91 26.64 1.60 15.07
C ALA A 91 27.87 1.31 14.24
N THR A 92 27.81 0.21 13.51
CA THR A 92 28.91 -0.20 12.65
C THR A 92 28.83 0.69 11.43
N MET A 93 30.00 1.11 10.93
CA MET A 93 30.05 1.99 9.76
C MET A 93 31.28 1.74 8.92
N ASP A 94 31.19 2.15 7.67
CA ASP A 94 32.31 2.00 6.74
C ASP A 94 33.39 2.93 7.25
N ASP A 95 34.66 2.47 7.19
CA ASP A 95 35.80 3.25 7.69
C ASP A 95 35.80 4.73 7.24
N ALA A 96 35.05 5.02 6.18
CA ALA A 96 34.93 6.36 5.67
C ALA A 96 34.04 7.21 6.57
N ARG A 97 32.79 6.77 6.72
CA ARG A 97 31.81 7.47 7.54
C ARG A 97 32.40 7.63 8.94
N ALA A 98 33.06 6.57 9.40
CA ALA A 98 33.74 6.51 10.70
C ALA A 98 34.53 7.79 11.02
N ARG A 99 35.38 8.18 10.07
CA ARG A 99 36.23 9.38 10.21
C ARG A 99 35.44 10.65 10.54
N THR A 100 34.63 11.10 9.58
CA THR A 100 33.81 12.29 9.74
C THR A 100 32.39 11.93 10.15
N TYR A 101 32.06 12.24 11.41
CA TYR A 101 30.73 11.93 11.91
C TYR A 101 30.47 12.67 13.22
N GLN A 102 29.33 13.35 13.29
CA GLN A 102 28.96 14.08 14.50
C GLN A 102 27.96 13.23 15.29
N PRO A 103 28.40 12.61 16.40
CA PRO A 103 27.51 11.79 17.22
C PRO A 103 26.43 12.64 17.86
N ARG A 104 25.17 12.22 17.75
CA ARG A 104 24.09 12.98 18.36
C ARG A 104 24.15 12.89 19.88
N ILE A 105 24.83 13.85 20.51
CA ILE A 105 24.97 13.84 21.95
C ILE A 105 23.95 14.76 22.60
N VAL A 106 23.24 14.25 23.60
CA VAL A 106 22.21 15.04 24.27
C VAL A 106 22.48 15.28 25.74
N PHE A 107 22.88 16.51 26.11
CA PHE A 107 23.09 16.80 27.53
C PHE A 107 21.67 16.99 28.03
N VAL A 108 21.42 16.70 29.31
CA VAL A 108 20.06 16.79 29.80
C VAL A 108 19.84 17.48 31.13
N ASP A 109 18.58 17.84 31.34
CA ASP A 109 18.08 18.54 32.53
C ASP A 109 17.88 17.58 33.74
N ALA A 110 17.94 18.11 34.96
CA ALA A 110 17.73 17.31 36.15
C ALA A 110 16.33 16.74 36.10
N TYR A 111 15.56 17.19 35.11
CA TYR A 111 14.18 16.76 34.87
C TYR A 111 14.12 16.06 33.52
N ASN A 112 15.28 15.89 32.90
CA ASN A 112 15.42 15.24 31.61
C ASN A 112 14.79 16.05 30.48
N LYS A 113 15.56 16.96 29.88
CA LYS A 113 15.05 17.76 28.76
C LYS A 113 16.06 18.13 27.67
N PRO A 114 17.06 18.82 27.98
N MET B 1 23.65 4.65 7.54
CA MET B 1 24.66 3.87 8.32
C MET B 1 23.99 2.59 8.74
N LEU B 2 24.68 1.79 9.54
CA LEU B 2 24.12 0.54 10.02
C LEU B 2 23.87 0.60 11.52
N ARG B 3 22.59 0.52 11.89
CA ARG B 3 22.18 0.54 13.29
C ARG B 3 21.77 -0.87 13.67
N THR B 4 21.98 -1.23 14.93
CA THR B 4 21.59 -2.57 15.41
C THR B 4 20.23 -2.41 16.08
N MET B 5 19.30 -3.31 15.76
CA MET B 5 17.95 -3.16 16.29
C MET B 5 17.15 -4.41 16.62
N LEU B 6 16.19 -4.24 17.52
CA LEU B 6 15.31 -5.32 17.94
C LEU B 6 14.53 -5.91 16.77
N LYS B 7 14.94 -7.12 16.38
CA LYS B 7 14.32 -7.87 15.28
C LYS B 7 13.29 -8.85 15.85
N SER B 8 13.55 -9.46 16.99
CA SER B 8 12.58 -10.39 17.56
C SER B 8 12.68 -10.50 19.08
N LYS B 9 11.60 -10.94 19.71
CA LYS B 9 11.54 -11.07 21.16
C LYS B 9 10.40 -11.97 21.67
N ILE B 10 10.76 -13.00 22.44
CA ILE B 10 9.83 -13.94 23.02
C ILE B 10 9.56 -13.40 24.43
N HIS B 11 8.41 -12.76 24.61
CA HIS B 11 8.08 -12.12 25.88
C HIS B 11 7.51 -12.97 27.05
N ARG B 12 8.28 -13.06 28.14
CA ARG B 12 7.86 -13.76 29.37
C ARG B 12 7.74 -15.28 29.33
N ALA B 13 8.68 -15.96 28.68
CA ALA B 13 8.62 -17.41 28.62
C ALA B 13 9.10 -17.95 29.97
N THR B 14 8.63 -19.13 30.37
CA THR B 14 9.09 -19.73 31.64
C THR B 14 10.16 -20.78 31.32
N VAL B 15 11.26 -20.77 32.08
CA VAL B 15 12.35 -21.71 31.85
C VAL B 15 12.00 -23.15 32.16
N THR B 16 11.75 -23.92 31.10
CA THR B 16 11.38 -25.33 31.18
C THR B 16 12.37 -26.17 31.97
N CYS B 17 13.52 -26.41 31.35
CA CYS B 17 14.57 -27.23 31.96
C CYS B 17 15.88 -26.44 32.06
N ALA B 18 16.94 -27.14 32.42
CA ALA B 18 18.24 -26.53 32.54
C ALA B 18 19.25 -27.64 32.87
N ASP B 19 20.34 -27.66 32.12
CA ASP B 19 21.36 -28.65 32.33
C ASP B 19 22.76 -28.07 32.16
N LEU B 20 23.54 -28.16 33.23
CA LEU B 20 24.90 -27.65 33.26
C LEU B 20 25.79 -28.37 32.27
N HIS B 21 25.72 -29.69 32.22
CA HIS B 21 26.56 -30.40 31.26
C HIS B 21 25.91 -30.56 29.90
N TYR B 22 26.74 -30.79 28.89
CA TYR B 22 26.30 -30.91 27.51
C TYR B 22 25.75 -29.53 27.13
N VAL B 23 26.21 -28.99 26.01
CA VAL B 23 25.76 -27.67 25.61
C VAL B 23 24.82 -27.53 24.42
N GLY B 24 24.03 -26.45 24.51
CA GLY B 24 23.05 -26.12 23.49
C GLY B 24 22.45 -24.76 23.82
N SER B 25 23.22 -23.95 24.56
CA SER B 25 22.78 -22.62 24.93
C SER B 25 21.33 -22.63 25.37
N VAL B 26 20.47 -22.12 24.51
CA VAL B 26 19.04 -22.07 24.77
C VAL B 26 18.32 -22.84 23.67
N THR B 27 17.61 -23.90 24.05
CA THR B 27 16.86 -24.70 23.08
C THR B 27 15.39 -24.26 23.14
N ILE B 28 14.88 -23.64 22.07
CA ILE B 28 13.51 -23.12 22.08
C ILE B 28 12.49 -23.95 21.28
N ASP B 29 11.24 -23.94 21.74
CA ASP B 29 10.15 -24.67 21.08
C ASP B 29 10.12 -24.22 19.62
N ALA B 30 10.20 -25.19 18.71
CA ALA B 30 10.19 -24.89 17.28
C ALA B 30 9.20 -23.81 16.93
N ASP B 31 7.96 -23.99 17.37
CA ASP B 31 6.89 -23.01 17.09
C ASP B 31 7.30 -21.59 17.50
N LEU B 32 7.97 -21.47 18.64
CA LEU B 32 8.42 -20.15 19.10
C LEU B 32 9.49 -19.55 18.22
N MET B 33 10.43 -20.35 17.75
CA MET B 33 11.48 -19.85 16.91
C MET B 33 10.97 -19.36 15.56
N ASP B 34 9.94 -20.02 15.04
CA ASP B 34 9.35 -19.60 13.77
C ASP B 34 8.45 -18.37 14.03
N ALA B 35 7.65 -18.45 15.08
CA ALA B 35 6.75 -17.37 15.46
C ALA B 35 7.56 -16.12 15.67
N ALA B 36 8.62 -16.25 16.47
CA ALA B 36 9.52 -15.14 16.78
C ALA B 36 10.61 -15.02 15.71
N ASP B 37 10.49 -15.83 14.66
CA ASP B 37 11.47 -15.81 13.58
C ASP B 37 12.87 -15.78 14.15
N LEU B 38 13.40 -16.98 14.37
CA LEU B 38 14.74 -17.15 14.89
C LEU B 38 15.28 -18.37 14.16
N LEU B 39 16.56 -18.35 13.82
CA LEU B 39 17.15 -19.49 13.12
C LEU B 39 18.04 -20.31 14.05
N GLU B 40 17.95 -21.62 13.97
CA GLU B 40 18.79 -22.45 14.82
C GLU B 40 20.20 -21.91 14.62
N GLY B 41 20.74 -21.36 15.69
CA GLY B 41 22.06 -20.77 15.61
C GLY B 41 21.82 -19.33 15.29
N GLU B 42 21.70 -18.52 16.34
CA GLU B 42 21.48 -17.10 16.17
C GLU B 42 21.68 -16.48 17.54
N GLN B 43 22.49 -15.42 17.61
CA GLN B 43 22.74 -14.76 18.88
C GLN B 43 21.45 -14.31 19.56
N VAL B 44 21.20 -14.84 20.74
CA VAL B 44 20.01 -14.49 21.49
C VAL B 44 20.43 -13.97 22.86
N THR B 45 19.67 -13.00 23.36
CA THR B 45 19.96 -12.44 24.66
C THR B 45 18.92 -12.98 25.62
N ILE B 46 19.31 -13.14 26.87
CA ILE B 46 18.36 -13.63 27.86
C ILE B 46 18.40 -12.70 29.07
N VAL B 47 17.21 -12.36 29.56
CA VAL B 47 17.09 -11.52 30.74
C VAL B 47 16.10 -12.24 31.67
N ASP B 48 16.58 -12.55 32.88
CA ASP B 48 15.82 -13.26 33.88
C ASP B 48 15.07 -12.31 34.78
N ILE B 49 13.74 -12.29 34.67
CA ILE B 49 12.91 -11.41 35.49
C ILE B 49 13.02 -11.72 36.99
N ASP B 50 13.19 -12.98 37.34
CA ASP B 50 13.30 -13.34 38.75
C ASP B 50 14.61 -12.94 39.41
N ASN B 51 15.70 -12.88 38.65
CA ASN B 51 16.98 -12.52 39.24
C ASN B 51 17.89 -11.63 38.39
N GLY B 52 17.31 -10.86 37.49
CA GLY B 52 18.07 -9.94 36.64
C GLY B 52 19.33 -10.40 35.93
N ALA B 53 19.43 -11.69 35.62
CA ALA B 53 20.60 -12.20 34.93
C ALA B 53 20.56 -11.78 33.47
N ARG B 54 21.70 -11.80 32.80
CA ARG B 54 21.79 -11.39 31.39
C ARG B 54 22.86 -12.16 30.62
N LEU B 55 22.44 -12.89 29.58
CA LEU B 55 23.36 -13.71 28.80
C LEU B 55 23.23 -13.45 27.33
N VAL B 56 24.25 -13.83 26.57
CA VAL B 56 24.24 -13.69 25.13
C VAL B 56 24.74 -14.99 24.57
N THR B 57 23.87 -15.66 23.83
CA THR B 57 24.22 -16.94 23.26
C THR B 57 23.43 -17.27 21.99
N TYR B 58 23.65 -18.46 21.43
CA TYR B 58 22.93 -18.86 20.23
C TYR B 58 21.64 -19.57 20.65
N ALA B 59 20.71 -19.76 19.73
CA ALA B 59 19.46 -20.44 20.05
C ALA B 59 19.37 -21.78 19.32
N ILE B 60 18.84 -22.79 20.02
CA ILE B 60 18.69 -24.15 19.48
C ILE B 60 17.22 -24.59 19.37
N THR B 61 16.85 -25.05 18.18
CA THR B 61 15.49 -25.48 17.93
C THR B 61 15.09 -26.71 18.73
N GLY B 62 14.06 -26.56 19.58
CA GLY B 62 13.57 -27.66 20.40
C GLY B 62 12.32 -28.25 19.77
N GLU B 63 11.73 -29.26 20.41
CA GLU B 63 10.51 -29.89 19.86
C GLU B 63 9.29 -28.97 19.93
N ARG B 64 8.35 -29.11 19.00
CA ARG B 64 7.16 -28.25 18.98
C ARG B 64 6.16 -28.51 20.09
N GLY B 65 5.42 -27.47 20.45
CA GLY B 65 4.42 -27.57 21.50
C GLY B 65 4.95 -27.97 22.85
N SER B 66 6.11 -28.60 22.87
CA SER B 66 6.72 -29.03 24.11
C SER B 66 6.94 -27.82 25.00
N GLY B 67 6.76 -26.64 24.43
CA GLY B 67 6.96 -25.44 25.20
C GLY B 67 8.33 -25.46 25.83
N VAL B 68 9.28 -26.12 25.18
CA VAL B 68 10.64 -26.20 25.72
C VAL B 68 11.34 -24.86 25.71
N ILE B 69 12.07 -24.60 26.78
CA ILE B 69 12.86 -23.38 26.93
C ILE B 69 13.96 -23.76 27.89
N GLY B 70 15.01 -24.38 27.35
CA GLY B 70 16.14 -24.82 28.14
C GLY B 70 17.44 -24.05 27.96
N ILE B 71 18.20 -23.97 29.05
CA ILE B 71 19.47 -23.28 29.09
C ILE B 71 20.51 -24.34 29.29
N ASN B 72 21.28 -24.64 28.25
CA ASN B 72 22.29 -25.69 28.34
C ASN B 72 23.71 -25.21 28.63
N GLY B 73 24.25 -25.69 29.75
CA GLY B 73 25.61 -25.38 30.17
C GLY B 73 26.05 -23.94 30.40
N ALA B 74 26.76 -23.72 31.51
CA ALA B 74 27.26 -22.38 31.87
C ALA B 74 26.11 -21.45 32.25
N ALA B 75 25.28 -21.12 31.26
CA ALA B 75 24.14 -20.25 31.48
C ALA B 75 23.22 -20.96 32.46
N ALA B 76 23.57 -22.21 32.75
CA ALA B 76 22.78 -23.03 33.66
C ALA B 76 22.85 -22.39 35.03
N HIS B 77 23.90 -21.58 35.21
CA HIS B 77 24.07 -20.81 36.44
C HIS B 77 23.31 -19.55 36.01
N LEU B 78 23.32 -18.51 36.82
CA LEU B 78 22.63 -17.30 36.41
C LEU B 78 21.14 -17.50 36.12
N VAL B 79 20.80 -18.29 35.09
CA VAL B 79 19.40 -18.52 34.72
C VAL B 79 18.95 -19.90 35.14
N HIS B 80 17.72 -20.00 35.67
CA HIS B 80 17.23 -21.28 36.16
C HIS B 80 15.82 -21.64 35.76
N PRO B 81 15.43 -22.89 36.03
CA PRO B 81 14.07 -23.34 35.70
C PRO B 81 13.08 -22.55 36.56
N GLY B 82 11.84 -22.44 36.09
CA GLY B 82 10.81 -21.72 36.83
C GLY B 82 11.04 -20.21 36.78
N ASP B 83 12.05 -19.81 36.01
CA ASP B 83 12.41 -18.40 35.85
C ASP B 83 11.74 -17.76 34.63
N LEU B 84 11.08 -16.63 34.83
CA LEU B 84 10.46 -15.92 33.73
C LEU B 84 11.60 -15.13 33.13
N VAL B 85 11.93 -15.43 31.89
CA VAL B 85 13.00 -14.73 31.23
C VAL B 85 12.46 -14.09 29.97
N ILE B 86 13.32 -13.36 29.28
CA ILE B 86 12.94 -12.72 28.03
C ILE B 86 14.03 -13.05 27.06
N LEU B 87 13.64 -13.33 25.82
CA LEU B 87 14.61 -13.65 24.79
C LEU B 87 14.60 -12.48 23.85
N ILE B 88 15.77 -12.05 23.41
CA ILE B 88 15.84 -10.93 22.50
C ILE B 88 16.89 -11.20 21.42
N ALA B 89 16.53 -10.87 20.18
CA ALA B 89 17.42 -11.05 19.04
C ALA B 89 17.44 -9.75 18.22
N TYR B 90 18.59 -9.08 18.20
CA TYR B 90 18.71 -7.84 17.46
C TYR B 90 19.05 -8.16 16.01
N ALA B 91 19.69 -7.21 15.34
CA ALA B 91 20.09 -7.36 13.95
C ALA B 91 20.51 -6.00 13.39
N THR B 92 21.72 -5.92 12.83
CA THR B 92 22.18 -4.66 12.27
C THR B 92 21.39 -4.48 10.98
N MET B 93 21.06 -3.22 10.66
CA MET B 93 20.32 -2.92 9.44
C MET B 93 20.66 -1.55 8.89
N ASP B 94 20.34 -1.34 7.62
CA ASP B 94 20.58 -0.07 6.96
C ASP B 94 19.62 0.93 7.60
N ASP B 95 20.12 2.13 7.83
CA ASP B 95 19.32 3.17 8.48
C ASP B 95 17.91 3.22 7.88
N ALA B 96 17.77 2.74 6.66
CA ALA B 96 16.49 2.75 5.99
C ALA B 96 15.53 1.73 6.61
N ARG B 97 15.91 0.45 6.53
CA ARG B 97 15.10 -0.63 7.06
C ARG B 97 14.83 -0.29 8.52
N ALA B 98 15.84 0.30 9.16
CA ALA B 98 15.77 0.69 10.55
C ALA B 98 14.48 1.42 10.87
N ARG B 99 14.17 2.45 10.10
CA ARG B 99 12.97 3.27 10.30
C ARG B 99 11.66 2.48 10.36
N THR B 100 11.30 1.87 9.23
CA THR B 100 10.08 1.09 9.13
C THR B 100 10.37 -0.39 9.27
N TYR B 101 9.91 -0.97 10.37
CA TYR B 101 10.13 -2.38 10.62
C TYR B 101 9.29 -2.88 11.76
N GLN B 102 8.57 -3.97 11.54
CA GLN B 102 7.75 -4.54 12.59
C GLN B 102 8.49 -5.69 13.27
N PRO B 103 8.95 -5.47 14.51
CA PRO B 103 9.67 -6.53 15.21
C PRO B 103 8.75 -7.72 15.56
N ARG B 104 9.19 -8.94 15.22
CA ARG B 104 8.41 -10.14 15.51
C ARG B 104 8.38 -10.39 17.00
N ILE B 105 7.37 -9.84 17.65
CA ILE B 105 7.18 -9.97 19.08
C ILE B 105 6.21 -11.08 19.45
N VAL B 106 6.62 -11.97 20.34
CA VAL B 106 5.77 -13.07 20.74
C VAL B 106 5.39 -13.09 22.23
N PHE B 107 4.15 -12.73 22.56
CA PHE B 107 3.69 -12.79 23.94
C PHE B 107 3.50 -14.29 24.10
N VAL B 108 3.61 -14.82 25.31
CA VAL B 108 3.46 -16.26 25.45
C VAL B 108 2.60 -16.73 26.61
N ASP B 109 2.21 -18.01 26.54
CA ASP B 109 1.37 -18.66 27.56
C ASP B 109 2.16 -19.15 28.79
N ALA B 110 1.48 -19.30 29.93
CA ALA B 110 2.16 -19.77 31.14
C ALA B 110 2.76 -21.16 30.88
N TYR B 111 2.43 -21.69 29.71
CA TYR B 111 2.90 -22.99 29.29
C TYR B 111 3.73 -22.81 28.03
N ASN B 112 3.97 -21.54 27.66
CA ASN B 112 4.74 -21.17 26.47
C ASN B 112 4.07 -21.53 25.15
N LYS B 113 3.21 -20.64 24.64
CA LYS B 113 2.51 -20.92 23.39
C LYS B 113 2.18 -19.71 22.49
N PRO B 114 1.45 -18.80 22.96
N MET C 1 31.15 -13.79 3.81
CA MET C 1 30.31 -13.29 4.93
C MET C 1 31.08 -12.22 5.71
N LEU C 2 30.47 -11.66 6.74
CA LEU C 2 31.16 -10.65 7.54
C LEU C 2 31.51 -11.17 8.92
N ARG C 3 32.81 -11.25 9.18
CA ARG C 3 33.28 -11.71 10.47
C ARG C 3 33.80 -10.49 11.22
N THR C 4 33.72 -10.51 12.55
CA THR C 4 34.23 -9.42 13.37
C THR C 4 35.65 -9.82 13.81
N MET C 5 36.62 -8.90 13.68
CA MET C 5 38.00 -9.22 14.04
C MET C 5 38.87 -8.14 14.66
N LEU C 6 39.87 -8.58 15.40
CA LEU C 6 40.80 -7.68 16.07
C LEU C 6 41.51 -6.76 15.09
N LYS C 7 41.12 -5.49 15.16
CA LYS C 7 41.68 -4.47 14.29
C LYS C 7 42.87 -3.80 14.95
N SER C 8 42.73 -3.54 16.24
CA SER C 8 43.77 -2.86 16.99
C SER C 8 43.77 -3.26 18.47
N LYS C 9 44.89 -2.99 19.15
CA LYS C 9 45.04 -3.32 20.57
C LYS C 9 46.25 -2.66 21.22
N ILE C 10 46.00 -1.90 22.27
CA ILE C 10 47.05 -1.23 23.06
C ILE C 10 47.37 -2.19 24.22
N HIS C 11 48.52 -2.85 24.12
CA HIS C 11 48.95 -3.85 25.09
C HIS C 11 49.65 -3.43 26.36
N ARG C 12 49.00 -3.68 27.50
CA ARG C 12 49.56 -3.38 28.82
C ARG C 12 49.74 -1.92 29.27
N ALA C 13 48.82 -1.03 28.87
CA ALA C 13 48.92 0.36 29.27
C ALA C 13 48.53 0.48 30.75
N THR C 14 49.10 1.44 31.47
CA THR C 14 48.78 1.62 32.89
C THR C 14 47.78 2.76 33.04
N VAL C 15 46.70 2.52 33.79
CA VAL C 15 45.65 3.55 33.95
C VAL C 15 46.11 4.83 34.64
N THR C 16 46.32 5.86 33.85
CA THR C 16 46.77 7.14 34.36
C THR C 16 45.88 7.73 35.46
N CYS C 17 44.68 8.16 35.09
CA CYS C 17 43.75 8.75 36.04
C CYS C 17 42.43 8.01 35.98
N ALA C 18 41.44 8.55 36.68
CA ALA C 18 40.10 7.98 36.75
C ALA C 18 39.17 8.95 37.49
N ASP C 19 38.03 9.25 36.89
CA ASP C 19 37.10 10.17 37.51
C ASP C 19 35.65 9.75 37.29
N LEU C 20 34.98 9.47 38.40
CA LEU C 20 33.62 9.02 38.33
C LEU C 20 32.70 10.01 37.66
N HIS C 21 32.81 11.29 38.01
CA HIS C 21 31.93 12.28 37.40
C HIS C 21 32.46 12.85 36.09
N TYR C 22 31.55 13.38 35.28
CA TYR C 22 31.89 13.92 33.97
C TYR C 22 32.39 12.74 33.13
N VAL C 23 31.79 12.53 31.97
CA VAL C 23 32.13 11.40 31.11
C VAL C 23 33.00 11.63 29.87
N GLY C 24 33.76 10.58 29.57
CA GLY C 24 34.66 10.58 28.43
C GLY C 24 35.17 9.17 28.22
N SER C 25 34.40 8.18 28.70
CA SER C 25 34.76 6.77 28.57
C SER C 25 36.23 6.60 28.87
N VAL C 26 37.03 6.34 27.84
CA VAL C 26 38.46 6.18 28.00
C VAL C 26 39.14 7.23 27.16
N THR C 27 39.93 8.10 27.77
CA THR C 27 40.64 9.14 27.03
C THR C 27 42.08 8.66 26.83
N ILE C 28 42.48 8.43 25.58
CA ILE C 28 43.80 7.92 25.27
C ILE C 28 44.78 8.90 24.67
N ASP C 29 46.05 8.73 25.03
CA ASP C 29 47.14 9.57 24.55
C ASP C 29 47.03 9.58 23.02
N ALA C 30 46.91 10.77 22.44
CA ALA C 30 46.80 10.93 20.98
C ALA C 30 47.72 9.99 20.23
N ASP C 31 49.02 10.06 20.53
CA ASP C 31 49.98 9.20 19.88
C ASP C 31 49.52 7.75 19.88
N LEU C 32 48.95 7.32 21.00
CA LEU C 32 48.48 5.94 21.12
C LEU C 32 47.32 5.61 20.20
N MET C 33 46.40 6.55 20.06
CA MET C 33 45.25 6.32 19.19
C MET C 33 45.66 6.24 17.73
N ASP C 34 46.67 7.03 17.35
CA ASP C 34 47.16 7.02 15.96
C ASP C 34 47.99 5.76 15.76
N ALA C 35 48.88 5.51 16.72
CA ALA C 35 49.76 4.34 16.69
C ALA C 35 48.93 3.07 16.57
N ALA C 36 47.90 2.98 17.41
CA ALA C 36 47.00 1.84 17.42
C ALA C 36 45.82 2.08 16.47
N ASP C 37 45.86 3.18 15.75
CA ASP C 37 44.80 3.50 14.81
C ASP C 37 43.45 3.37 15.49
N LEU C 38 43.06 4.44 16.18
CA LEU C 38 41.78 4.52 16.86
C LEU C 38 41.21 5.91 16.57
N LEU C 39 39.91 6.01 16.29
CA LEU C 39 39.31 7.31 16.01
C LEU C 39 38.55 7.83 17.22
N GLU C 40 38.64 9.12 17.52
CA GLU C 40 37.89 9.67 18.64
C GLU C 40 36.47 9.23 18.39
N GLY C 41 35.96 8.43 19.31
CA GLY C 41 34.61 7.88 19.17
C GLY C 41 34.74 6.57 18.40
N GLU C 42 34.89 5.46 19.13
CA GLU C 42 35.05 4.16 18.50
C GLU C 42 34.94 3.18 19.63
N GLN C 43 34.14 2.14 19.44
CA GLN C 43 33.97 1.15 20.49
C GLN C 43 35.29 0.49 20.86
N VAL C 44 35.65 0.60 22.14
CA VAL C 44 36.88 0.01 22.65
C VAL C 44 36.54 -0.90 23.83
N THR C 45 37.27 -2.01 23.95
CA THR C 45 37.06 -2.94 25.04
C THR C 45 38.26 -2.80 25.96
N ILE C 46 37.99 -2.92 27.25
CA ILE C 46 39.05 -2.81 28.25
C ILE C 46 39.06 -4.05 29.12
N VAL C 47 40.25 -4.55 29.40
CA VAL C 47 40.35 -5.70 30.24
C VAL C 47 41.42 -5.35 31.25
N ASP C 48 41.04 -5.40 32.53
CA ASP C 48 41.92 -5.05 33.63
C ASP C 48 42.70 -6.24 34.15
N ILE C 49 44.00 -6.28 33.88
CA ILE C 49 44.83 -7.39 34.33
C ILE C 49 44.85 -7.57 35.86
N ASP C 50 44.81 -6.48 36.60
CA ASP C 50 44.84 -6.60 38.05
C ASP C 50 43.56 -7.17 38.66
N ASN C 51 42.42 -6.95 38.03
CA ASN C 51 41.18 -7.44 38.59
C ASN C 51 40.16 -7.98 37.60
N GLY C 52 40.63 -8.47 36.45
CA GLY C 52 39.73 -9.03 35.45
C GLY C 52 38.41 -8.36 35.04
N ALA C 53 38.32 -7.03 35.17
CA ALA C 53 37.09 -6.31 34.78
C ALA C 53 36.99 -6.29 33.25
N ARG C 54 35.80 -6.05 32.71
CA ARG C 54 35.63 -6.02 31.27
C ARG C 54 34.56 -5.03 30.85
N LEU C 55 34.95 -4.03 30.06
CA LEU C 55 34.03 -2.99 29.66
C LEU C 55 34.03 -2.82 28.17
N VAL C 56 32.99 -2.15 27.67
CA VAL C 56 32.84 -1.81 26.25
C VAL C 56 32.41 -0.35 26.18
N THR C 57 33.26 0.49 25.60
CA THR C 57 32.98 1.91 25.53
C THR C 57 33.69 2.59 24.38
N TYR C 58 33.40 3.87 24.15
CA TYR C 58 34.05 4.60 23.06
C TYR C 58 35.37 5.13 23.57
N ALA C 59 36.19 5.65 22.66
CA ALA C 59 37.49 6.18 23.04
C ALA C 59 37.54 7.69 22.85
N ILE C 60 38.29 8.37 23.70
CA ILE C 60 38.45 9.82 23.59
C ILE C 60 39.91 10.22 23.51
N THR C 61 40.25 11.02 22.50
CA THR C 61 41.62 11.45 22.29
C THR C 61 42.16 12.35 23.41
N GLY C 62 43.25 11.93 24.03
CA GLY C 62 43.82 12.73 25.11
C GLY C 62 45.05 13.43 24.60
N GLU C 63 45.72 14.19 25.46
CA GLU C 63 46.93 14.93 25.04
C GLU C 63 48.12 13.99 24.73
N ARG C 64 48.99 14.40 23.79
CA ARG C 64 50.16 13.61 23.37
C ARG C 64 51.28 13.48 24.40
N GLY C 65 51.99 12.36 24.37
CA GLY C 65 53.10 12.13 25.28
C GLY C 65 52.73 12.11 26.74
N SER C 66 51.57 12.68 27.07
CA SER C 66 51.09 12.72 28.44
C SER C 66 50.87 11.29 28.91
N GLY C 67 50.90 10.35 27.97
CA GLY C 67 50.68 8.95 28.30
C GLY C 67 49.40 8.81 29.10
N VAL C 68 48.40 9.61 28.73
CA VAL C 68 47.10 9.60 29.40
C VAL C 68 46.31 8.37 29.03
N ILE C 69 45.62 7.83 30.03
CA ILE C 69 44.80 6.66 29.87
C ILE C 69 43.79 6.75 31.02
N GLY C 70 42.77 7.57 30.82
CA GLY C 70 41.74 7.75 31.83
C GLY C 70 40.41 7.06 31.54
N ILE C 71 39.74 6.70 32.62
CA ILE C 71 38.45 6.03 32.58
C ILE C 71 37.43 6.97 33.19
N ASN C 72 36.64 7.63 32.35
CA ASN C 72 35.65 8.61 32.82
C ASN C 72 34.24 8.06 33.07
N GLY C 73 33.78 8.25 34.30
CA GLY C 73 32.45 7.83 34.71
C GLY C 73 32.02 6.40 34.52
N ALA C 74 31.37 5.86 35.54
CA ALA C 74 30.86 4.47 35.56
C ALA C 74 31.96 3.42 35.52
N ALA C 75 32.68 3.37 34.42
CA ALA C 75 33.77 2.45 34.27
C ALA C 75 34.81 2.81 35.32
N ALA C 76 34.59 3.94 35.99
CA ALA C 76 35.49 4.43 37.03
C ALA C 76 35.50 3.40 38.15
N HIS C 77 34.43 2.61 38.21
CA HIS C 77 34.32 1.52 39.17
C HIS C 77 34.99 0.48 38.29
N LEU C 78 34.96 -0.79 38.70
CA LEU C 78 35.56 -1.85 37.86
C LEU C 78 37.05 -1.63 37.53
N VAL C 79 37.35 -0.57 36.76
CA VAL C 79 38.72 -0.27 36.36
C VAL C 79 39.27 0.93 37.11
N HIS C 80 40.50 0.79 37.64
CA HIS C 80 41.12 1.84 38.46
C HIS C 80 42.52 2.30 38.04
N PRO C 81 43.00 3.43 38.62
CA PRO C 81 44.33 3.94 38.30
C PRO C 81 45.32 2.92 38.78
N GLY C 82 46.52 2.91 38.20
CA GLY C 82 47.55 1.96 38.60
C GLY C 82 47.27 0.55 38.12
N ASP C 83 46.21 0.41 37.33
CA ASP C 83 45.80 -0.87 36.80
C ASP C 83 46.38 -1.08 35.41
N LEU C 84 46.88 -2.28 35.17
CA LEU C 84 47.38 -2.61 33.86
C LEU C 84 46.17 -3.15 33.14
N VAL C 85 45.75 -2.49 32.09
CA VAL C 85 44.59 -2.94 31.34
C VAL C 85 44.99 -3.16 29.91
N ILE C 86 44.04 -3.61 29.11
CA ILE C 86 44.29 -3.83 27.69
C ILE C 86 43.12 -3.22 26.96
N LEU C 87 43.42 -2.52 25.88
CA LEU C 87 42.41 -1.90 25.05
C LEU C 87 42.26 -2.69 23.74
N ILE C 88 41.04 -2.97 23.35
CA ILE C 88 40.89 -3.75 22.15
C ILE C 88 39.81 -3.14 21.30
N ALA C 89 40.03 -3.16 19.99
CA ALA C 89 39.04 -2.63 19.07
C ALA C 89 38.91 -3.66 17.95
N TYR C 90 37.71 -4.17 17.76
CA TYR C 90 37.47 -5.14 16.69
C TYR C 90 37.04 -4.39 15.42
N ALA C 91 36.29 -5.07 14.57
CA ALA C 91 35.81 -4.45 13.33
C ALA C 91 35.33 -5.55 12.40
N THR C 92 34.08 -5.44 11.99
CA THR C 92 33.52 -6.44 11.09
C THR C 92 34.18 -6.23 9.73
N MET C 93 34.45 -7.34 9.03
CA MET C 93 35.07 -7.27 7.72
C MET C 93 34.57 -8.37 6.81
N ASP C 94 34.77 -8.18 5.51
CA ASP C 94 34.40 -9.17 4.50
C ASP C 94 35.39 -10.32 4.72
N ASP C 95 34.88 -11.55 4.69
CA ASP C 95 35.71 -12.74 4.90
C ASP C 95 37.06 -12.67 4.16
N ALA C 96 37.15 -11.79 3.16
CA ALA C 96 38.37 -11.64 2.37
C ALA C 96 39.41 -10.88 3.15
N ARG C 97 39.07 -9.64 3.50
CA ARG C 97 39.98 -8.80 4.28
C ARG C 97 40.35 -9.59 5.54
N ALA C 98 39.34 -10.25 6.10
CA ALA C 98 39.50 -11.06 7.28
C ALA C 98 40.81 -11.87 7.24
N ARG C 99 40.97 -12.65 6.17
CA ARG C 99 42.13 -13.50 6.00
C ARG C 99 43.46 -12.80 6.16
N THR C 100 43.75 -11.88 5.24
CA THR C 100 45.00 -11.13 5.26
C THR C 100 44.82 -9.77 5.88
N TYR C 101 45.36 -9.60 7.08
CA TYR C 101 45.23 -8.33 7.78
C TYR C 101 46.20 -8.25 8.92
N GLN C 102 46.91 -7.13 9.04
CA GLN C 102 47.86 -6.96 10.13
C GLN C 102 47.23 -6.04 11.19
N PRO C 103 46.84 -6.59 12.35
CA PRO C 103 46.24 -5.76 13.40
C PRO C 103 47.25 -4.80 13.99
N ARG C 104 46.88 -3.53 14.08
CA ARG C 104 47.75 -2.50 14.65
C ARG C 104 47.93 -2.71 16.16
N ILE C 105 48.89 -3.55 16.51
CA ILE C 105 49.16 -3.86 17.90
C ILE C 105 50.22 -2.93 18.45
N VAL C 106 49.96 -2.34 19.61
CA VAL C 106 50.92 -1.44 20.22
C VAL C 106 51.41 -1.88 21.59
N PHE C 107 52.65 -2.33 21.69
CA PHE C 107 53.23 -2.72 22.99
C PHE C 107 53.54 -1.36 23.60
N VAL C 108 53.55 -1.27 24.93
CA VAL C 108 53.78 0.04 25.49
C VAL C 108 54.72 0.09 26.68
N ASP C 109 55.22 1.30 26.96
CA ASP C 109 56.16 1.61 28.04
C ASP C 109 55.47 1.72 29.43
N ALA C 110 56.25 1.55 30.50
CA ALA C 110 55.71 1.65 31.84
C ALA C 110 55.16 3.07 32.03
N TYR C 111 55.45 3.92 31.05
CA TYR C 111 54.99 5.30 31.08
C TYR C 111 54.06 5.53 29.90
N ASN C 112 53.70 4.46 29.22
CA ASN C 112 52.80 4.50 28.06
C ASN C 112 53.39 5.23 26.84
N LYS C 113 54.13 4.50 26.00
CA LYS C 113 54.75 5.11 24.82
C LYS C 113 54.89 4.18 23.59
N PRO C 114 55.56 3.12 23.68
N MET D 1 18.21 -8.59 5.68
CA MET D 1 18.90 -7.83 6.76
C MET D 1 20.10 -8.65 7.19
N LEU D 2 20.82 -8.16 8.18
CA LEU D 2 22.00 -8.86 8.66
C LEU D 2 21.79 -9.38 10.07
N ARG D 3 21.75 -10.70 10.20
CA ARG D 3 21.58 -11.34 11.49
C ARG D 3 22.94 -11.84 11.92
N THR D 4 23.15 -11.95 13.22
CA THR D 4 24.41 -12.44 13.74
C THR D 4 24.19 -13.92 14.05
N MET D 5 25.07 -14.79 13.57
CA MET D 5 24.88 -16.21 13.83
C MET D 5 26.07 -17.07 14.14
N LEU D 6 25.79 -18.19 14.84
CA LEU D 6 26.80 -19.16 15.24
C LEU D 6 27.53 -19.72 14.02
N LYS D 7 28.78 -19.31 13.89
CA LYS D 7 29.64 -19.70 12.80
C LYS D 7 30.50 -20.90 13.19
N SER D 8 31.01 -20.90 14.41
CA SER D 8 31.86 -21.98 14.92
C SER D 8 31.80 -22.16 16.45
N LYS D 9 32.15 -23.37 16.89
CA LYS D 9 32.11 -23.72 18.31
C LYS D 9 32.93 -24.97 18.71
N ILE D 10 33.88 -24.79 19.62
CA ILE D 10 34.71 -25.87 20.12
C ILE D 10 34.03 -26.33 21.39
N HIS D 11 33.36 -27.47 21.30
CA HIS D 11 32.57 -28.02 22.39
C HIS D 11 33.29 -28.81 23.47
N ARG D 12 33.26 -28.32 24.71
CA ARG D 12 33.82 -28.99 25.88
C ARG D 12 35.32 -29.15 26.00
N ALA D 13 36.08 -28.18 25.54
CA ALA D 13 37.52 -28.31 25.67
C ALA D 13 37.91 -28.09 27.13
N THR D 14 39.03 -28.66 27.55
CA THR D 14 39.48 -28.48 28.93
C THR D 14 40.59 -27.43 28.96
N VAL D 15 40.50 -26.47 29.88
CA VAL D 15 41.51 -25.42 29.97
C VAL D 15 42.92 -25.92 30.36
N THR D 16 43.80 -25.98 29.37
CA THR D 16 45.17 -26.42 29.55
C THR D 16 45.95 -25.61 30.59
N CYS D 17 46.31 -24.38 30.24
CA CYS D 17 47.07 -23.49 31.12
C CYS D 17 46.32 -22.19 31.37
N ALA D 18 46.99 -21.23 32.01
CA ALA D 18 46.39 -19.94 32.32
C ALA D 18 47.43 -19.06 32.99
N ASP D 19 47.59 -17.86 32.46
CA ASP D 19 48.57 -16.91 32.97
C ASP D 19 48.11 -15.46 32.97
N LEU D 20 47.98 -14.94 34.18
CA LEU D 20 47.53 -13.58 34.40
C LEU D 20 48.37 -12.54 33.67
N HIS D 21 49.70 -12.66 33.73
CA HIS D 21 50.54 -11.68 33.06
C HIS D 21 50.84 -12.07 31.63
N TYR D 22 51.20 -11.07 30.83
CA TYR D 22 51.45 -11.24 29.40
C TYR D 22 50.11 -11.66 28.77
N VAL D 23 49.69 -10.94 27.73
CA VAL D 23 48.40 -11.25 27.12
C VAL D 23 48.37 -11.97 25.77
N GLY D 24 47.26 -12.68 25.56
CA GLY D 24 47.02 -13.45 24.35
C GLY D 24 45.62 -14.04 24.36
N SER D 25 44.73 -13.37 25.11
CA SER D 25 43.36 -13.82 25.23
C SER D 25 43.33 -15.34 25.42
N VAL D 26 42.86 -16.05 24.40
CA VAL D 26 42.78 -17.50 24.43
C VAL D 26 43.64 -18.05 23.32
N THR D 27 44.59 -18.88 23.69
CA THR D 27 45.48 -19.47 22.69
C THR D 27 44.98 -20.88 22.44
N ILE D 28 44.53 -21.18 21.21
CA ILE D 28 43.98 -22.49 20.87
C ILE D 28 44.85 -23.35 19.96
N ASP D 29 44.77 -24.66 20.15
CA ASP D 29 45.52 -25.64 19.36
C ASP D 29 45.28 -25.37 17.88
N ALA D 30 46.35 -25.15 17.13
CA ALA D 30 46.23 -24.86 15.70
C ALA D 30 45.15 -25.71 15.03
N ASP D 31 45.24 -27.02 15.24
CA ASP D 31 44.30 -27.95 14.65
C ASP D 31 42.88 -27.57 14.99
N LEU D 32 42.64 -27.15 16.24
CA LEU D 32 41.28 -26.76 16.62
C LEU D 32 40.81 -25.50 15.90
N MET D 33 41.71 -24.53 15.71
CA MET D 33 41.31 -23.31 15.03
C MET D 33 40.93 -23.56 13.58
N ASP D 34 41.62 -24.50 12.95
CA ASP D 34 41.34 -24.84 11.56
C ASP D 34 40.08 -25.68 11.53
N ALA D 35 40.03 -26.68 12.41
CA ALA D 35 38.89 -27.59 12.50
C ALA D 35 37.61 -26.79 12.73
N ALA D 36 37.68 -25.84 13.66
CA ALA D 36 36.52 -25.00 13.99
C ALA D 36 36.53 -23.75 13.15
N ASP D 37 37.47 -23.68 12.22
CA ASP D 37 37.59 -22.51 11.37
C ASP D 37 37.55 -21.24 12.22
N LEU D 38 38.72 -20.80 12.66
CA LEU D 38 38.87 -19.61 13.47
C LEU D 38 40.17 -19.01 12.98
N LEU D 39 40.22 -17.68 12.88
CA LEU D 39 41.44 -17.00 12.41
C LEU D 39 42.16 -16.35 13.58
N GLU D 40 43.49 -16.49 13.61
CA GLU D 40 44.24 -15.87 14.70
C GLU D 40 43.74 -14.40 14.70
N GLY D 41 43.11 -14.03 15.80
CA GLY D 41 42.56 -12.70 15.91
C GLY D 41 41.15 -12.82 15.38
N GLU D 42 40.20 -13.05 16.28
CA GLU D 42 38.80 -13.19 15.92
C GLU D 42 38.03 -13.27 17.20
N GLN D 43 36.99 -12.46 17.34
CA GLN D 43 36.19 -12.46 18.57
C GLN D 43 35.68 -13.86 18.92
N VAL D 44 36.02 -14.32 20.12
CA VAL D 44 35.61 -15.64 20.59
C VAL D 44 35.00 -15.50 21.96
N THR D 45 33.93 -16.26 22.20
CA THR D 45 33.23 -16.22 23.47
C THR D 45 33.56 -17.49 24.20
N ILE D 46 33.74 -17.37 25.52
CA ILE D 46 34.06 -18.50 26.40
C ILE D 46 33.00 -18.65 27.48
N VAL D 47 32.51 -19.85 27.70
CA VAL D 47 31.54 -20.10 28.74
C VAL D 47 32.09 -21.28 29.54
N ASP D 48 32.33 -21.04 30.84
CA ASP D 48 32.93 -22.01 31.75
C ASP D 48 31.87 -22.86 32.41
N ILE D 49 31.85 -24.14 32.04
CA ILE D 49 30.88 -25.09 32.59
C ILE D 49 31.01 -25.25 34.11
N ASP D 50 32.25 -25.26 34.60
CA ASP D 50 32.47 -25.43 36.02
C ASP D 50 32.02 -24.24 36.87
N ASN D 51 32.11 -23.03 36.34
CA ASN D 51 31.71 -21.87 37.12
C ASN D 51 30.92 -20.77 36.42
N GLY D 52 30.24 -21.12 35.32
CA GLY D 52 29.42 -20.15 34.60
C GLY D 52 29.96 -18.79 34.16
N ALA D 53 31.28 -18.66 34.06
CA ALA D 53 31.87 -17.39 33.64
C ALA D 53 31.54 -17.11 32.18
N ARG D 54 31.73 -15.87 31.74
CA ARG D 54 31.44 -15.52 30.35
C ARG D 54 32.29 -14.36 29.80
N LEU D 55 33.17 -14.67 28.87
CA LEU D 55 34.05 -13.67 28.29
C LEU D 55 33.94 -13.52 26.78
N VAL D 56 34.47 -12.41 26.27
CA VAL D 56 34.49 -12.14 24.84
C VAL D 56 35.86 -11.61 24.58
N THR D 57 36.60 -12.31 23.74
CA THR D 57 37.95 -11.91 23.45
C THR D 57 38.40 -12.48 22.11
N TYR D 58 39.62 -12.17 21.69
CA TYR D 58 40.16 -12.69 20.43
C TYR D 58 40.81 -14.05 20.65
N ALA D 59 41.17 -14.73 19.57
CA ALA D 59 41.76 -16.05 19.71
C ALA D 59 43.17 -16.05 19.16
N ILE D 60 44.05 -16.78 19.82
CA ILE D 60 45.44 -16.88 19.38
C ILE D 60 45.83 -18.31 19.03
N THR D 61 46.44 -18.49 17.86
CA THR D 61 46.85 -19.81 17.41
C THR D 61 47.98 -20.41 18.24
N GLY D 62 47.72 -21.57 18.84
CA GLY D 62 48.74 -22.22 19.63
C GLY D 62 49.40 -23.37 18.86
N GLU D 63 50.28 -24.13 19.51
CA GLU D 63 50.94 -25.24 18.83
C GLU D 63 49.97 -26.40 18.56
N ARG D 64 50.19 -27.16 17.50
CA ARG D 64 49.32 -28.28 17.13
C ARG D 64 49.46 -29.52 18.03
N GLY D 65 48.35 -30.25 18.20
CA GLY D 65 48.35 -31.45 19.00
C GLY D 65 48.64 -31.23 20.47
N SER D 66 49.22 -30.08 20.76
CA SER D 66 49.56 -29.74 22.13
C SER D 66 48.29 -29.62 22.92
N GLY D 67 47.17 -29.68 22.21
CA GLY D 67 45.87 -29.57 22.85
C GLY D 67 45.79 -28.34 23.74
N VAL D 68 46.55 -27.31 23.36
CA VAL D 68 46.59 -26.07 24.13
C VAL D 68 45.27 -25.35 24.09
N ILE D 69 44.93 -24.77 25.24
CA ILE D 69 43.72 -23.98 25.40
C ILE D 69 44.01 -23.09 26.60
N GLY D 70 44.76 -22.02 26.35
CA GLY D 70 45.14 -21.08 27.40
C GLY D 70 44.40 -19.76 27.43
N ILE D 71 44.26 -19.24 28.64
CA ILE D 71 43.58 -17.99 28.90
C ILE D 71 44.59 -16.96 29.42
N ASN D 72 45.08 -16.08 28.55
CA ASN D 72 46.09 -15.12 28.94
C ASN D 72 45.58 -13.79 29.44
N GLY D 73 45.98 -13.44 30.66
CA GLY D 73 45.63 -12.18 31.29
C GLY D 73 44.18 -11.76 31.43
N ALA D 74 43.83 -11.24 32.61
CA ALA D 74 42.47 -10.79 32.92
C ALA D 74 41.52 -11.95 32.97
N ALA D 75 41.23 -12.52 31.80
CA ALA D 75 40.35 -13.66 31.72
C ALA D 75 40.98 -14.77 32.55
N ALA D 76 42.19 -14.53 33.03
CA ALA D 76 42.89 -15.50 33.87
C ALA D 76 42.11 -15.67 35.17
N HIS D 77 41.31 -14.66 35.50
CA HIS D 77 40.43 -14.76 36.65
C HIS D 77 39.22 -15.37 35.92
N LEU D 78 38.09 -15.51 36.61
CA LEU D 78 36.88 -16.06 35.95
C LEU D 78 37.06 -17.48 35.38
N VAL D 79 37.91 -17.62 34.36
CA VAL D 79 38.17 -18.92 33.72
C VAL D 79 39.54 -19.49 34.16
N HIS D 80 39.57 -20.77 34.54
CA HIS D 80 40.78 -21.39 35.07
C HIS D 80 41.15 -22.71 34.46
N PRO D 81 42.38 -23.18 34.73
CA PRO D 81 42.79 -24.46 34.16
C PRO D 81 41.89 -25.54 34.74
N GLY D 82 41.86 -26.70 34.09
CA GLY D 82 41.04 -27.80 34.55
C GLY D 82 39.55 -27.56 34.40
N ASP D 83 39.21 -26.42 33.79
CA ASP D 83 37.81 -26.05 33.58
C ASP D 83 37.33 -26.45 32.19
N LEU D 84 36.10 -26.97 32.12
CA LEU D 84 35.54 -27.37 30.86
C LEU D 84 34.83 -26.11 30.41
N VAL D 85 35.28 -25.55 29.29
CA VAL D 85 34.68 -24.35 28.75
C VAL D 85 34.16 -24.61 27.34
N ILE D 86 33.57 -23.60 26.75
CA ILE D 86 33.06 -23.72 25.39
C ILE D 86 33.45 -22.45 24.68
N LEU D 87 33.96 -22.58 23.48
CA LEU D 87 34.37 -21.42 22.73
C LEU D 87 33.35 -21.21 21.65
N ILE D 88 32.91 -19.98 21.46
CA ILE D 88 31.92 -19.75 20.44
C ILE D 88 32.30 -18.57 19.57
N ALA D 89 32.04 -18.68 18.27
CA ALA D 89 32.35 -17.58 17.38
C ALA D 89 31.14 -17.39 16.46
N TYR D 90 30.51 -16.22 16.56
CA TYR D 90 29.36 -15.89 15.73
C TYR D 90 29.84 -15.24 14.44
N ALA D 91 28.93 -14.54 13.76
CA ALA D 91 29.27 -13.89 12.52
C ALA D 91 28.02 -13.32 11.90
N THR D 92 28.03 -12.02 11.64
CA THR D 92 26.89 -11.36 11.02
C THR D 92 26.85 -11.82 9.57
N MET D 93 25.65 -12.09 9.06
CA MET D 93 25.50 -12.55 7.68
C MET D 93 24.19 -12.06 7.06
N ASP D 94 24.13 -12.10 5.74
CA ASP D 94 22.93 -11.70 5.05
C ASP D 94 21.84 -12.74 5.39
N ASP D 95 20.62 -12.26 5.64
CA ASP D 95 19.50 -13.15 5.99
C ASP D 95 19.45 -14.41 5.13
N ALA D 96 20.07 -14.36 3.94
CA ALA D 96 20.10 -15.50 3.01
C ALA D 96 21.03 -16.60 3.50
N ARG D 97 22.30 -16.25 3.66
CA ARG D 97 23.33 -17.19 4.14
C ARG D 97 22.81 -17.74 5.47
N ALA D 98 22.22 -16.84 6.23
CA ALA D 98 21.67 -17.14 7.54
C ALA D 98 20.90 -18.45 7.50
N ARG D 99 19.92 -18.51 6.61
CA ARG D 99 19.09 -19.69 6.49
C ARG D 99 19.89 -20.98 6.34
N THR D 100 20.59 -21.13 5.23
CA THR D 100 21.36 -22.33 4.98
C THR D 100 22.81 -22.13 5.35
N TYR D 101 23.23 -22.82 6.40
CA TYR D 101 24.60 -22.71 6.86
C TYR D 101 24.94 -23.81 7.88
N GLN D 102 26.05 -24.49 7.64
CA GLN D 102 26.50 -25.52 8.55
C GLN D 102 27.60 -24.98 9.49
N PRO D 103 27.25 -24.70 10.75
CA PRO D 103 28.22 -24.18 11.70
C PRO D 103 29.33 -25.18 12.00
N ARG D 104 30.58 -24.78 11.79
CA ARG D 104 31.70 -25.69 12.07
C ARG D 104 31.76 -26.04 13.55
N ILE D 105 31.11 -27.14 13.92
CA ILE D 105 31.10 -27.57 15.32
C ILE D 105 32.15 -28.65 15.60
N VAL D 106 32.95 -28.44 16.63
CA VAL D 106 33.99 -29.38 16.96
C VAL D 106 33.85 -30.02 18.31
N PHE D 107 33.49 -31.30 18.34
CA PHE D 107 33.38 -32.01 19.63
C PHE D 107 34.84 -32.34 19.93
N VAL D 108 35.21 -32.45 21.21
CA VAL D 108 36.60 -32.71 21.49
C VAL D 108 36.94 -33.75 22.55
N ASP D 109 38.19 -34.21 22.50
CA ASP D 109 38.74 -35.23 23.38
C ASP D 109 39.07 -34.69 24.78
N ALA D 110 39.11 -35.59 25.76
CA ALA D 110 39.46 -35.19 27.12
C ALA D 110 40.89 -34.63 27.09
N TYR D 111 41.52 -34.78 25.93
CA TYR D 111 42.88 -34.30 25.72
C TYR D 111 42.87 -33.24 24.62
N ASN D 112 41.67 -32.82 24.25
CA ASN D 112 41.48 -31.79 23.22
C ASN D 112 41.97 -32.28 21.84
N LYS D 113 41.09 -32.90 21.05
CA LYS D 113 41.48 -33.39 19.73
C LYS D 113 40.35 -33.44 18.67
N PRO D 114 39.35 -34.14 18.90
N MET E 1 -48.08 0.43 -24.90
CA MET E 1 -46.86 0.85 -24.13
C MET E 1 -46.32 2.12 -24.75
N LEU E 2 -45.22 2.63 -24.22
CA LEU E 2 -44.64 3.84 -24.77
C LEU E 2 -43.30 3.52 -25.41
N ARG E 3 -43.21 3.77 -26.71
CA ARG E 3 -42.00 3.56 -27.49
C ARG E 3 -41.41 4.93 -27.83
N THR E 4 -40.09 5.03 -27.94
CA THR E 4 -39.43 6.29 -28.29
C THR E 4 -39.18 6.24 -29.80
N MET E 5 -39.58 7.29 -30.52
CA MET E 5 -39.43 7.27 -31.96
C MET E 5 -39.03 8.53 -32.69
N LEU E 6 -38.39 8.35 -33.85
CA LEU E 6 -37.94 9.47 -34.67
C LEU E 6 -39.09 10.41 -35.01
N LYS E 7 -39.03 11.59 -34.38
CA LYS E 7 -40.02 12.62 -34.56
C LYS E 7 -39.58 13.62 -35.62
N SER E 8 -38.30 13.96 -35.62
CA SER E 8 -37.81 14.93 -36.58
C SER E 8 -36.33 14.73 -36.86
N LYS E 9 -35.88 15.20 -38.04
CA LYS E 9 -34.48 15.07 -38.45
C LYS E 9 -34.04 16.02 -39.56
N ILE E 10 -33.01 16.81 -39.28
CA ILE E 10 -32.47 17.74 -40.25
C ILE E 10 -31.30 17.00 -40.94
N HIS E 11 -31.55 16.53 -42.16
CA HIS E 11 -30.60 15.75 -42.93
C HIS E 11 -29.47 16.48 -43.69
N ARG E 12 -28.23 16.21 -43.26
CA ARG E 12 -27.02 16.74 -43.90
C ARG E 12 -26.73 18.24 -43.84
N ALA E 13 -27.04 18.90 -42.73
CA ALA E 13 -26.75 20.32 -42.64
C ALA E 13 -25.23 20.49 -42.44
N THR E 14 -24.69 21.64 -42.83
CA THR E 14 -23.25 21.87 -42.68
C THR E 14 -23.03 22.76 -41.49
N VAL E 15 -22.06 22.44 -40.64
CA VAL E 15 -21.79 23.24 -39.44
C VAL E 15 -21.24 24.65 -39.73
N THR E 16 -22.12 25.63 -39.58
CA THR E 16 -21.83 27.03 -39.80
C THR E 16 -20.67 27.53 -38.96
N CYS E 17 -20.91 27.67 -37.65
CA CYS E 17 -19.89 28.16 -36.72
C CYS E 17 -19.69 27.16 -35.61
N ALA E 18 -18.91 27.57 -34.61
CA ALA E 18 -18.61 26.75 -33.45
C ALA E 18 -17.81 27.57 -32.44
N ASP E 19 -18.27 27.60 -31.21
CA ASP E 19 -17.59 28.35 -30.17
C ASP E 19 -17.57 27.62 -28.83
N LEU E 20 -16.35 27.33 -28.37
CA LEU E 20 -16.14 26.62 -27.11
C LEU E 20 -16.72 27.35 -25.90
N HIS E 21 -16.47 28.65 -25.80
CA HIS E 21 -17.00 29.40 -24.68
C HIS E 21 -18.42 29.91 -24.94
N TYR E 22 -19.12 30.22 -23.85
CA TYR E 22 -20.51 30.66 -23.90
C TYR E 22 -21.32 29.51 -24.48
N VAL E 23 -22.38 29.10 -23.79
CA VAL E 23 -23.17 27.96 -24.27
C VAL E 23 -24.55 28.23 -24.87
N GLY E 24 -24.89 27.33 -25.78
CA GLY E 24 -26.15 27.34 -26.50
C GLY E 24 -26.31 26.03 -27.29
N SER E 25 -25.65 24.98 -26.81
CA SER E 25 -25.71 23.66 -27.45
C SER E 25 -25.61 23.79 -28.95
N VAL E 26 -26.76 23.63 -29.61
CA VAL E 26 -26.84 23.76 -31.05
C VAL E 26 -27.86 24.84 -31.33
N THR E 27 -27.45 25.90 -32.02
CA THR E 27 -28.39 26.97 -32.38
C THR E 27 -28.74 26.71 -33.84
N ILE E 28 -30.02 26.49 -34.12
CA ILE E 28 -30.50 26.20 -35.49
C ILE E 28 -31.33 27.31 -36.15
N ASP E 29 -31.14 27.47 -37.47
CA ASP E 29 -31.86 28.47 -38.27
C ASP E 29 -33.34 28.32 -37.95
N ALA E 30 -33.95 29.43 -37.58
CA ALA E 30 -35.37 29.44 -37.21
C ALA E 30 -36.21 28.62 -38.18
N ASP E 31 -36.08 28.92 -39.46
CA ASP E 31 -36.84 28.21 -40.47
C ASP E 31 -36.66 26.68 -40.36
N LEU E 32 -35.44 26.23 -40.05
CA LEU E 32 -35.16 24.80 -39.93
C LEU E 32 -35.84 24.16 -38.73
N MET E 33 -35.87 24.87 -37.61
CA MET E 33 -36.52 24.33 -36.41
C MET E 33 -38.04 24.17 -36.60
N ASP E 34 -38.66 25.09 -37.33
CA ASP E 34 -40.10 25.05 -37.60
C ASP E 34 -40.33 23.95 -38.65
N ALA E 35 -39.56 24.01 -39.74
CA ALA E 35 -39.66 23.04 -40.83
C ALA E 35 -39.52 21.63 -40.26
N ALA E 36 -38.51 21.43 -39.42
CA ALA E 36 -38.29 20.12 -38.81
C ALA E 36 -39.08 20.02 -37.50
N ASP E 37 -39.85 21.06 -37.18
CA ASP E 37 -40.64 21.06 -35.96
C ASP E 37 -39.78 20.71 -34.76
N LEU E 38 -39.11 21.73 -34.22
CA LEU E 38 -38.25 21.59 -33.07
C LEU E 38 -38.54 22.83 -32.24
N LEU E 39 -38.52 22.67 -30.92
CA LEU E 39 -38.80 23.79 -30.04
C LEU E 39 -37.51 24.25 -29.35
N GLU E 40 -37.33 25.57 -29.25
CA GLU E 40 -36.16 26.09 -28.56
C GLU E 40 -36.17 25.36 -27.24
N GLY E 41 -35.15 24.53 -27.05
CA GLY E 41 -35.07 23.75 -25.84
C GLY E 41 -35.77 22.46 -26.18
N GLU E 42 -34.98 21.46 -26.56
CA GLU E 42 -35.49 20.17 -26.91
C GLU E 42 -34.29 19.29 -27.20
N GLN E 43 -34.24 18.13 -26.56
CA GLN E 43 -33.12 17.20 -26.75
C GLN E 43 -32.91 16.86 -28.23
N VAL E 44 -31.71 17.16 -28.72
CA VAL E 44 -31.37 16.90 -30.09
C VAL E 44 -30.11 16.06 -30.12
N THR E 45 -30.02 15.15 -31.08
CA THR E 45 -28.85 14.31 -31.23
C THR E 45 -28.12 14.85 -32.43
N ILE E 46 -26.80 14.72 -32.41
CA ILE E 46 -25.98 15.14 -33.54
C ILE E 46 -25.05 14.01 -33.92
N VAL E 47 -24.88 13.82 -35.21
CA VAL E 47 -23.99 12.79 -35.70
C VAL E 47 -23.18 13.45 -36.79
N ASP E 48 -21.86 13.42 -36.62
CA ASP E 48 -20.93 14.05 -37.55
C ASP E 48 -20.44 13.12 -38.64
N ILE E 49 -20.95 13.28 -39.86
CA ILE E 49 -20.57 12.44 -40.99
C ILE E 49 -19.06 12.44 -41.25
N ASP E 50 -18.41 13.59 -41.06
CA ASP E 50 -16.96 13.65 -41.30
C ASP E 50 -16.11 12.94 -40.25
N ASN E 51 -16.60 12.83 -39.02
CA ASN E 51 -15.79 12.15 -38.02
C ASN E 51 -16.55 11.31 -37.03
N GLY E 52 -17.72 10.80 -37.41
CA GLY E 52 -18.53 9.94 -36.55
C GLY E 52 -18.84 10.29 -35.10
N ALA E 53 -18.80 11.56 -34.75
CA ALA E 53 -19.07 11.98 -33.38
C ALA E 53 -20.56 11.84 -33.11
N ARG E 54 -20.91 11.83 -31.82
CA ARG E 54 -22.31 11.68 -31.38
C ARG E 54 -22.61 12.39 -30.05
N LEU E 55 -23.51 13.36 -30.12
CA LEU E 55 -23.87 14.15 -28.94
C LEU E 55 -25.35 14.18 -28.74
N VAL E 56 -25.74 14.52 -27.51
CA VAL E 56 -27.14 14.67 -27.12
C VAL E 56 -27.25 15.98 -26.38
N THR E 57 -28.00 16.93 -26.94
CA THR E 57 -28.14 18.24 -26.31
C THR E 57 -29.46 18.93 -26.66
N TYR E 58 -29.66 20.14 -26.14
CA TYR E 58 -30.88 20.87 -26.45
C TYR E 58 -30.65 21.72 -27.72
N ALA E 59 -31.72 22.25 -28.29
CA ALA E 59 -31.59 23.05 -29.49
C ALA E 59 -31.96 24.51 -29.21
N ILE E 60 -31.23 25.43 -29.84
CA ILE E 60 -31.45 26.86 -29.69
C ILE E 60 -31.78 27.53 -31.04
N THR E 61 -32.85 28.31 -31.03
CA THR E 61 -33.31 29.00 -32.23
C THR E 61 -32.33 30.09 -32.69
N GLY E 62 -31.85 29.96 -33.92
CA GLY E 62 -30.94 30.94 -34.47
C GLY E 62 -31.72 31.83 -35.41
N GLU E 63 -31.05 32.76 -36.10
CA GLU E 63 -31.73 33.67 -37.03
C GLU E 63 -32.15 32.95 -38.32
N ARG E 64 -33.23 33.41 -38.94
CA ARG E 64 -33.75 32.82 -40.19
C ARG E 64 -32.87 33.08 -41.42
N GLY E 65 -32.91 32.13 -42.37
CA GLY E 65 -32.14 32.24 -43.60
C GLY E 65 -30.63 32.28 -43.42
N SER E 66 -30.20 32.66 -42.22
CA SER E 66 -28.80 32.73 -41.91
C SER E 66 -28.21 31.34 -42.05
N GLY E 67 -29.08 30.34 -42.20
CA GLY E 67 -28.60 28.99 -42.32
C GLY E 67 -27.66 28.63 -41.20
N VAL E 68 -27.88 29.23 -40.03
CA VAL E 68 -27.03 28.97 -38.88
C VAL E 68 -27.18 27.55 -38.37
N ILE E 69 -26.08 27.01 -37.87
CA ILE E 69 -26.02 25.67 -37.30
C ILE E 69 -24.73 25.66 -36.50
N GLY E 70 -24.78 26.27 -35.33
CA GLY E 70 -23.61 26.35 -34.46
C GLY E 70 -23.63 25.41 -33.27
N ILE E 71 -22.43 25.02 -32.84
CA ILE E 71 -22.26 24.12 -31.72
C ILE E 71 -21.56 24.92 -30.63
N ASN E 72 -22.31 25.29 -29.59
CA ASN E 72 -21.78 26.11 -28.50
C ASN E 72 -21.28 25.35 -27.28
N GLY E 73 -20.00 25.54 -26.99
CA GLY E 73 -19.36 24.91 -25.84
C GLY E 73 -19.38 23.40 -25.70
N ALA E 74 -18.23 22.84 -25.32
CA ALA E 74 -18.04 21.40 -25.11
C ALA E 74 -18.18 20.58 -26.41
N ALA E 75 -19.39 20.57 -26.96
CA ALA E 75 -19.64 19.85 -28.19
C ALA E 75 -18.80 20.51 -29.25
N ALA E 76 -18.19 21.64 -28.90
CA ALA E 76 -17.33 22.38 -29.82
C ALA E 76 -16.14 21.51 -30.18
N HIS E 77 -15.87 20.51 -29.34
CA HIS E 77 -14.84 19.55 -29.60
C HIS E 77 -15.72 18.53 -30.34
N LEU E 78 -15.21 17.36 -30.69
CA LEU E 78 -16.04 16.37 -31.37
C LEU E 78 -16.64 16.87 -32.70
N VAL E 79 -17.50 17.88 -32.63
CA VAL E 79 -18.15 18.42 -33.83
C VAL E 79 -17.56 19.76 -34.21
N HIS E 80 -17.25 19.94 -35.50
CA HIS E 80 -16.65 21.20 -35.94
C HIS E 80 -17.29 21.84 -37.16
N PRO E 81 -16.87 23.07 -37.49
CA PRO E 81 -17.40 23.79 -38.65
C PRO E 81 -17.00 23.04 -39.90
N GLY E 82 -17.75 23.24 -40.98
CA GLY E 82 -17.45 22.55 -42.23
C GLY E 82 -17.81 21.07 -42.19
N ASP E 83 -18.38 20.65 -41.07
CA ASP E 83 -18.79 19.26 -40.85
C ASP E 83 -20.24 19.04 -41.26
N LEU E 84 -20.47 17.97 -42.00
CA LEU E 84 -21.82 17.62 -42.39
C LEU E 84 -22.29 16.76 -41.22
N VAL E 85 -23.31 17.21 -40.51
CA VAL E 85 -23.82 16.47 -39.39
C VAL E 85 -25.27 16.15 -39.63
N ILE E 86 -25.86 15.43 -38.71
CA ILE E 86 -27.27 15.11 -38.81
C ILE E 86 -27.87 15.38 -37.45
N LEU E 87 -29.05 16.02 -37.45
CA LEU E 87 -29.73 16.35 -36.21
C LEU E 87 -30.92 15.43 -36.11
N ILE E 88 -31.14 14.87 -34.94
CA ILE E 88 -32.24 13.96 -34.75
C ILE E 88 -32.98 14.27 -33.45
N ALA E 89 -34.30 14.22 -33.51
CA ALA E 89 -35.15 14.46 -32.34
C ALA E 89 -36.22 13.37 -32.26
N TYR E 90 -36.10 12.53 -31.22
CA TYR E 90 -37.02 11.43 -30.99
C TYR E 90 -38.23 11.95 -30.22
N ALA E 91 -38.91 11.04 -29.52
CA ALA E 91 -40.10 11.40 -28.74
C ALA E 91 -40.83 10.11 -28.35
N THR E 92 -41.09 9.95 -27.06
CA THR E 92 -41.78 8.76 -26.62
C THR E 92 -43.21 8.94 -27.04
N MET E 93 -43.86 7.85 -27.47
CA MET E 93 -45.25 7.90 -27.91
C MET E 93 -46.04 6.64 -27.57
N ASP E 94 -47.36 6.77 -27.55
CA ASP E 94 -48.23 5.64 -27.26
C ASP E 94 -48.09 4.72 -28.46
N ASP E 95 -47.94 3.42 -28.20
CA ASP E 95 -47.76 2.44 -29.24
C ASP E 95 -48.69 2.69 -30.42
N ALA E 96 -49.76 3.44 -30.17
CA ALA E 96 -50.73 3.74 -31.22
C ALA E 96 -50.19 4.77 -32.18
N ARG E 97 -49.85 5.95 -31.65
CA ARG E 97 -49.31 7.04 -32.46
C ARG E 97 -48.06 6.50 -33.17
N ALA E 98 -47.34 5.64 -32.46
CA ALA E 98 -46.13 5.01 -32.96
C ALA E 98 -46.29 4.43 -34.37
N ARG E 99 -47.33 3.61 -34.57
CA ARG E 99 -47.59 3.00 -35.88
C ARG E 99 -47.70 3.99 -37.04
N THR E 100 -48.72 4.85 -37.00
CA THR E 100 -48.93 5.86 -38.06
C THR E 100 -48.44 7.23 -37.66
N TYR E 101 -47.33 7.64 -38.25
CA TYR E 101 -46.75 8.92 -37.94
C TYR E 101 -45.76 9.31 -39.00
N GLN E 102 -45.87 10.53 -39.50
CA GLN E 102 -44.94 10.99 -40.52
C GLN E 102 -43.88 11.87 -39.87
N PRO E 103 -42.66 11.37 -39.78
CA PRO E 103 -41.59 12.16 -39.16
C PRO E 103 -41.20 13.37 -40.03
N ARG E 104 -41.14 14.55 -39.40
CA ARG E 104 -40.78 15.76 -40.11
C ARG E 104 -39.32 15.69 -40.49
N ILE E 105 -39.06 15.18 -41.68
CA ILE E 105 -37.71 15.09 -42.19
C ILE E 105 -37.37 16.26 -43.11
N VAL E 106 -36.22 16.87 -42.86
CA VAL E 106 -35.83 18.01 -43.67
C VAL E 106 -34.53 17.79 -44.43
N PHE E 107 -34.61 17.67 -45.75
CA PHE E 107 -33.40 17.54 -46.57
C PHE E 107 -32.95 18.99 -46.66
N VAL E 108 -31.65 19.23 -46.80
CA VAL E 108 -31.23 20.62 -46.84
C VAL E 108 -30.20 21.00 -47.90
N ASP E 109 -30.10 22.30 -48.14
CA ASP E 109 -29.20 22.89 -49.13
C ASP E 109 -27.75 23.01 -48.64
N ALA E 110 -26.80 23.09 -49.57
CA ALA E 110 -25.39 23.22 -49.20
C ALA E 110 -25.18 24.49 -48.39
N TYR E 111 -26.24 25.28 -48.35
CA TYR E 111 -26.26 26.57 -47.64
C TYR E 111 -27.29 26.48 -46.53
N ASN E 112 -27.83 25.29 -46.33
CA ASN E 112 -28.84 25.02 -45.29
C ASN E 112 -30.17 25.75 -45.54
N LYS E 113 -31.08 25.14 -46.28
CA LYS E 113 -32.38 25.76 -46.59
C LYS E 113 -33.53 24.77 -46.74
N PRO E 114 -33.42 23.86 -47.61
N MET F 1 -44.66 3.37 -11.29
CA MET F 1 -43.79 4.35 -11.98
C MET F 1 -43.53 3.81 -13.38
N LEU F 2 -42.73 4.52 -14.17
CA LEU F 2 -42.39 4.08 -15.52
C LEU F 2 -40.91 3.70 -15.64
N ARG F 3 -40.67 2.42 -15.90
CA ARG F 3 -39.31 1.89 -16.06
C ARG F 3 -39.10 1.66 -17.56
N THR F 4 -37.86 1.76 -18.01
CA THR F 4 -37.55 1.52 -19.42
C THR F 4 -37.03 0.07 -19.54
N MET F 5 -37.56 -0.68 -20.50
CA MET F 5 -37.16 -2.07 -20.59
C MET F 5 -37.08 -2.71 -21.96
N LEU F 6 -36.32 -3.81 -22.00
CA LEU F 6 -36.09 -4.58 -23.21
C LEU F 6 -37.35 -5.16 -23.82
N LYS F 7 -37.77 -4.52 -24.90
CA LYS F 7 -38.97 -4.91 -25.63
C LYS F 7 -38.61 -5.86 -26.75
N SER F 8 -37.51 -5.60 -27.44
CA SER F 8 -37.13 -6.47 -28.53
C SER F 8 -35.62 -6.52 -28.74
N LYS F 9 -35.17 -7.58 -29.43
CA LYS F 9 -33.75 -7.78 -29.70
C LYS F 9 -33.44 -8.77 -30.82
N ILE F 10 -32.71 -8.32 -31.85
CA ILE F 10 -32.28 -9.21 -32.94
C ILE F 10 -30.85 -9.64 -32.60
N HIS F 11 -30.73 -10.88 -32.14
CA HIS F 11 -29.48 -11.46 -31.68
C HIS F 11 -28.51 -12.06 -32.69
N ARG F 12 -27.35 -11.42 -32.80
CA ARG F 12 -26.25 -11.84 -33.67
C ARG F 12 -26.43 -11.70 -35.16
N ALA F 13 -27.00 -10.60 -35.61
CA ALA F 13 -27.17 -10.45 -37.04
C ALA F 13 -25.84 -10.00 -37.61
N THR F 14 -25.60 -10.35 -38.88
CA THR F 14 -24.36 -9.97 -39.58
C THR F 14 -24.63 -8.78 -40.46
N VAL F 15 -23.81 -7.74 -40.34
CA VAL F 15 -24.00 -6.52 -41.12
C VAL F 15 -23.81 -6.75 -42.62
N THR F 16 -24.92 -6.73 -43.34
CA THR F 16 -24.95 -6.94 -44.78
C THR F 16 -24.17 -5.93 -45.61
N CYS F 17 -24.60 -4.68 -45.59
CA CYS F 17 -23.93 -3.61 -46.34
C CYS F 17 -23.66 -2.43 -45.42
N ALA F 18 -23.28 -1.31 -46.01
CA ALA F 18 -23.01 -0.11 -45.23
C ALA F 18 -22.63 1.01 -46.18
N ASP F 19 -23.28 2.16 -46.04
CA ASP F 19 -22.98 3.27 -46.92
C ASP F 19 -22.98 4.58 -46.17
N LEU F 20 -21.83 5.28 -46.23
CA LEU F 20 -21.64 6.54 -45.53
C LEU F 20 -22.57 7.66 -45.99
N HIS F 21 -22.82 7.76 -47.29
CA HIS F 21 -23.74 8.79 -47.79
C HIS F 21 -25.18 8.30 -47.94
N TYR F 22 -26.12 9.22 -47.94
CA TYR F 22 -27.53 8.86 -48.00
C TYR F 22 -27.86 8.12 -46.72
N VAL F 23 -28.78 8.68 -45.94
CA VAL F 23 -29.14 8.11 -44.64
C VAL F 23 -30.40 7.26 -44.55
N GLY F 24 -30.33 6.35 -43.60
CA GLY F 24 -31.41 5.43 -43.31
C GLY F 24 -31.06 4.64 -42.05
N SER F 25 -30.18 5.21 -41.22
CA SER F 25 -29.77 4.57 -39.99
C SER F 25 -29.49 3.11 -40.23
N VAL F 26 -30.39 2.26 -39.75
CA VAL F 26 -30.28 0.81 -39.90
C VAL F 26 -31.49 0.29 -40.62
N THR F 27 -31.27 -0.29 -41.80
CA THR F 27 -32.37 -0.84 -42.59
C THR F 27 -32.40 -2.33 -42.33
N ILE F 28 -33.49 -2.81 -41.74
CA ILE F 28 -33.61 -4.22 -41.40
C ILE F 28 -34.58 -5.03 -42.26
N ASP F 29 -34.25 -6.32 -42.44
CA ASP F 29 -35.09 -7.24 -43.21
C ASP F 29 -36.50 -7.16 -42.63
N ALA F 30 -37.48 -6.86 -43.49
CA ALA F 30 -38.85 -6.75 -43.04
C ALA F 30 -39.19 -7.86 -42.07
N ASP F 31 -38.99 -9.10 -42.51
CA ASP F 31 -39.30 -10.25 -41.68
C ASP F 31 -38.74 -10.10 -40.28
N LEU F 32 -37.53 -9.57 -40.19
CA LEU F 32 -36.90 -9.39 -38.88
C LEU F 32 -37.60 -8.31 -38.05
N MET F 33 -38.02 -7.23 -38.69
CA MET F 33 -38.68 -6.18 -37.94
C MET F 33 -40.02 -6.65 -37.38
N ASP F 34 -40.70 -7.50 -38.14
CA ASP F 34 -41.99 -8.00 -37.69
C ASP F 34 -41.72 -9.03 -36.59
N ALA F 35 -40.78 -9.93 -36.88
CA ALA F 35 -40.40 -11.00 -35.96
C ALA F 35 -39.98 -10.42 -34.62
N ALA F 36 -39.13 -9.39 -34.69
CA ALA F 36 -38.63 -8.71 -33.51
C ALA F 36 -39.58 -7.59 -33.14
N ASP F 37 -40.68 -7.48 -33.87
CA ASP F 37 -41.63 -6.42 -33.59
C ASP F 37 -40.94 -5.05 -33.47
N LEU F 38 -40.71 -4.44 -34.62
CA LEU F 38 -40.07 -3.15 -34.68
C LEU F 38 -40.81 -2.40 -35.77
N LEU F 39 -41.05 -1.10 -35.55
CA LEU F 39 -41.77 -0.28 -36.52
C LEU F 39 -40.81 0.61 -37.29
N GLU F 40 -41.07 0.78 -38.59
CA GLU F 40 -40.22 1.64 -39.39
C GLU F 40 -40.18 2.96 -38.62
N GLY F 41 -39.01 3.30 -38.12
CA GLY F 41 -38.88 4.50 -37.34
C GLY F 41 -39.13 4.10 -35.90
N GLU F 42 -38.05 3.82 -35.18
CA GLU F 42 -38.12 3.42 -33.80
C GLU F 42 -36.70 3.34 -33.29
N GLN F 43 -36.44 3.93 -32.12
CA GLN F 43 -35.10 3.92 -31.55
C GLN F 43 -34.56 2.51 -31.35
N VAL F 44 -33.44 2.24 -32.00
CA VAL F 44 -32.80 0.95 -31.94
C VAL F 44 -31.37 1.19 -31.49
N THR F 45 -30.84 0.24 -30.73
CA THR F 45 -29.47 0.33 -30.25
C THR F 45 -28.66 -0.73 -30.96
N ILE F 46 -27.43 -0.41 -31.32
CA ILE F 46 -26.57 -1.35 -31.99
C ILE F 46 -25.27 -1.58 -31.20
N VAL F 47 -24.91 -2.84 -31.03
CA VAL F 47 -23.68 -3.16 -30.34
C VAL F 47 -22.91 -4.13 -31.24
N ASP F 48 -21.69 -3.72 -31.60
CA ASP F 48 -20.83 -4.47 -32.50
C ASP F 48 -19.88 -5.42 -31.82
N ILE F 49 -20.20 -6.71 -31.86
CA ILE F 49 -19.39 -7.76 -31.24
C ILE F 49 -17.93 -7.76 -31.68
N ASP F 50 -17.67 -7.46 -32.95
CA ASP F 50 -16.31 -7.45 -33.44
C ASP F 50 -15.49 -6.28 -32.94
N ASN F 51 -16.13 -5.14 -32.68
CA ASN F 51 -15.37 -3.97 -32.22
C ASN F 51 -15.96 -3.10 -31.09
N GLY F 52 -16.89 -3.64 -30.33
CA GLY F 52 -17.48 -2.91 -29.21
C GLY F 52 -18.10 -1.54 -29.45
N ALA F 53 -18.52 -1.27 -30.68
CA ALA F 53 -19.15 0.02 -30.95
C ALA F 53 -20.56 0.07 -30.31
N ARG F 54 -21.12 1.27 -30.20
CA ARG F 54 -22.45 1.43 -29.62
C ARG F 54 -23.16 2.68 -30.15
N LEU F 55 -24.27 2.47 -30.86
CA LEU F 55 -25.02 3.57 -31.44
C LEU F 55 -26.48 3.54 -31.03
N VAL F 56 -27.18 4.64 -31.29
CA VAL F 56 -28.59 4.71 -31.00
C VAL F 56 -29.16 5.39 -32.21
N THR F 57 -30.11 4.75 -32.86
CA THR F 57 -30.71 5.32 -34.06
C THR F 57 -32.08 4.73 -34.38
N TYR F 58 -32.73 5.21 -35.43
CA TYR F 58 -34.03 4.67 -35.83
C TYR F 58 -33.83 3.48 -36.76
N ALA F 59 -34.87 2.70 -37.00
CA ALA F 59 -34.73 1.54 -37.87
C ALA F 59 -35.55 1.72 -39.13
N ILE F 60 -35.02 1.23 -40.25
CA ILE F 60 -35.70 1.32 -41.54
C ILE F 60 -36.02 -0.05 -42.15
N THR F 61 -37.28 -0.26 -42.54
CA THR F 61 -37.72 -1.52 -43.12
C THR F 61 -37.08 -1.83 -44.48
N GLY F 62 -36.34 -2.95 -44.51
CA GLY F 62 -35.67 -3.38 -45.73
C GLY F 62 -36.46 -4.49 -46.39
N GLU F 63 -36.02 -4.94 -47.56
CA GLU F 63 -36.73 -5.99 -48.28
C GLU F 63 -36.69 -7.33 -47.52
N ARG F 64 -37.73 -8.15 -47.70
CA ARG F 64 -37.81 -9.45 -47.03
C ARG F 64 -36.83 -10.50 -47.52
N GLY F 65 -36.49 -11.44 -46.64
CA GLY F 65 -35.59 -12.53 -46.98
C GLY F 65 -34.21 -12.09 -47.42
N SER F 66 -34.11 -10.83 -47.87
CA SER F 66 -32.83 -10.28 -48.32
C SER F 66 -31.82 -10.29 -47.17
N GLY F 67 -32.31 -10.63 -45.97
CA GLY F 67 -31.46 -10.66 -44.80
C GLY F 67 -30.64 -9.41 -44.69
N VAL F 68 -31.20 -8.31 -45.21
CA VAL F 68 -30.54 -7.00 -45.18
C VAL F 68 -30.36 -6.50 -43.76
N ILE F 69 -29.26 -5.80 -43.53
CA ILE F 69 -28.94 -5.21 -42.24
C ILE F 69 -27.90 -4.19 -42.61
N GLY F 70 -28.36 -3.03 -43.08
CA GLY F 70 -27.47 -1.95 -43.48
C GLY F 70 -27.44 -0.78 -42.53
N ILE F 71 -26.26 -0.19 -42.39
CA ILE F 71 -26.02 0.96 -41.51
C ILE F 71 -25.75 2.15 -42.41
N ASN F 72 -26.74 3.02 -42.55
CA ASN F 72 -26.61 4.19 -43.43
C ASN F 72 -26.17 5.48 -42.74
N GLY F 73 -25.15 6.10 -43.32
CA GLY F 73 -24.62 7.36 -42.82
C GLY F 73 -24.18 7.49 -41.36
N ALA F 74 -23.00 8.08 -41.17
CA ALA F 74 -22.44 8.29 -39.84
C ALA F 74 -22.10 6.96 -39.16
N ALA F 75 -23.14 6.21 -38.81
CA ALA F 75 -22.94 4.94 -38.16
C ALA F 75 -22.17 4.04 -39.09
N ALA F 76 -21.90 4.55 -40.29
CA ALA F 76 -21.13 3.80 -41.27
C ALA F 76 -19.68 3.67 -40.75
N HIS F 77 -19.29 4.54 -39.83
CA HIS F 77 -17.98 4.45 -39.21
C HIS F 77 -18.43 3.57 -38.03
N LEU F 78 -17.58 3.32 -37.05
CA LEU F 78 -17.99 2.49 -35.89
C LEU F 78 -18.44 1.06 -36.25
N VAL F 79 -19.58 0.93 -36.92
CA VAL F 79 -20.10 -0.38 -37.30
C VAL F 79 -19.85 -0.64 -38.78
N HIS F 80 -19.43 -1.85 -39.12
CA HIS F 80 -19.11 -2.19 -40.51
C HIS F 80 -19.70 -3.51 -41.04
N PRO F 81 -19.59 -3.75 -42.35
CA PRO F 81 -20.11 -4.99 -42.93
C PRO F 81 -19.33 -6.14 -42.37
N GLY F 82 -19.92 -7.33 -42.42
CA GLY F 82 -19.26 -8.51 -41.88
C GLY F 82 -19.11 -8.51 -40.37
N ASP F 83 -19.74 -7.53 -39.73
CA ASP F 83 -19.68 -7.39 -38.28
C ASP F 83 -20.92 -8.06 -37.65
N LEU F 84 -20.70 -8.77 -36.56
CA LEU F 84 -21.80 -9.40 -35.87
C LEU F 84 -22.21 -8.34 -34.87
N VAL F 85 -23.42 -7.82 -35.02
CA VAL F 85 -23.92 -6.80 -34.12
C VAL F 85 -25.18 -7.32 -33.43
N ILE F 86 -25.71 -6.53 -32.50
CA ILE F 86 -26.93 -6.87 -31.79
C ILE F 86 -27.80 -5.64 -31.81
N LEU F 87 -29.07 -5.81 -32.15
CA LEU F 87 -30.02 -4.71 -32.22
C LEU F 87 -30.91 -4.79 -31.00
N ILE F 88 -31.09 -3.69 -30.32
CA ILE F 88 -31.95 -3.72 -29.14
C ILE F 88 -32.90 -2.51 -29.13
N ALA F 89 -34.15 -2.76 -28.75
CA ALA F 89 -35.14 -1.69 -28.66
C ALA F 89 -35.84 -1.81 -27.31
N TYR F 90 -35.72 -0.78 -26.49
CA TYR F 90 -36.34 -0.79 -25.17
C TYR F 90 -37.75 -0.26 -25.28
N ALA F 91 -38.27 0.28 -24.19
CA ALA F 91 -39.62 0.83 -24.18
C ALA F 91 -40.00 1.10 -22.75
N THR F 92 -40.42 2.33 -22.47
CA THR F 92 -40.83 2.69 -21.12
C THR F 92 -42.21 2.07 -20.91
N MET F 93 -42.44 1.54 -19.71
CA MET F 93 -43.71 0.90 -19.40
C MET F 93 -44.11 1.16 -17.97
N ASP F 94 -45.36 0.81 -17.67
CA ASP F 94 -45.89 0.98 -16.33
C ASP F 94 -45.28 -0.18 -15.53
N ASP F 95 -44.82 0.12 -14.31
CA ASP F 95 -44.21 -0.87 -13.43
C ASP F 95 -44.98 -2.19 -13.39
N ALA F 96 -46.23 -2.15 -13.84
CA ALA F 96 -47.06 -3.36 -13.88
C ALA F 96 -46.66 -4.20 -15.08
N ARG F 97 -46.76 -3.61 -16.27
CA ARG F 97 -46.40 -4.31 -17.50
C ARG F 97 -44.95 -4.81 -17.38
N ALA F 98 -44.14 -3.96 -16.75
CA ALA F 98 -42.72 -4.23 -16.53
C ALA F 98 -42.49 -5.63 -16.00
N ARG F 99 -43.23 -5.98 -14.95
CA ARG F 99 -43.12 -7.29 -14.31
C ARG F 99 -43.30 -8.46 -15.28
N THR F 100 -44.53 -8.60 -15.77
CA THR F 100 -44.83 -9.67 -16.70
C THR F 100 -44.76 -9.18 -18.14
N TYR F 101 -43.74 -9.64 -18.86
CA TYR F 101 -43.56 -9.25 -20.25
C TYR F 101 -42.57 -10.16 -20.95
N GLN F 102 -42.95 -10.65 -22.14
CA GLN F 102 -42.07 -11.51 -22.93
C GLN F 102 -41.44 -10.67 -24.03
N PRO F 103 -40.13 -10.34 -23.90
CA PRO F 103 -39.45 -9.55 -24.92
C PRO F 103 -39.31 -10.33 -26.22
N ARG F 104 -39.68 -9.72 -27.34
CA ARG F 104 -39.58 -10.39 -28.63
C ARG F 104 -38.12 -10.57 -29.01
N ILE F 105 -37.56 -11.74 -28.69
CA ILE F 105 -36.15 -12.05 -28.98
C ILE F 105 -36.04 -12.89 -30.24
N VAL F 106 -35.18 -12.45 -31.15
CA VAL F 106 -35.01 -13.17 -32.41
C VAL F 106 -33.60 -13.67 -32.62
N PHE F 107 -33.38 -14.98 -32.47
CA PHE F 107 -32.04 -15.52 -32.72
C PHE F 107 -32.02 -15.56 -34.23
N VAL F 108 -30.85 -15.51 -34.85
CA VAL F 108 -30.82 -15.49 -36.30
C VAL F 108 -29.77 -16.37 -36.99
N ASP F 109 -30.01 -16.61 -38.28
CA ASP F 109 -29.16 -17.43 -39.13
C ASP F 109 -27.90 -16.68 -39.58
N ALA F 110 -26.87 -17.41 -40.02
CA ALA F 110 -25.64 -16.75 -40.46
C ALA F 110 -25.94 -15.93 -41.72
N TYR F 111 -27.15 -16.11 -42.22
CA TYR F 111 -27.65 -15.44 -43.42
C TYR F 111 -28.81 -14.54 -43.02
N ASN F 112 -28.98 -14.39 -41.71
CA ASN F 112 -30.03 -13.57 -41.11
C ASN F 112 -31.42 -14.10 -41.44
N LYS F 113 -31.95 -15.00 -40.59
CA LYS F 113 -33.29 -15.55 -40.79
C LYS F 113 -34.09 -15.81 -39.49
N PRO F 114 -33.64 -16.60 -38.64
N MET G 1 -43.72 17.77 -14.15
CA MET G 1 -43.03 17.24 -15.38
C MET G 1 -42.47 15.88 -15.05
N LEU G 2 -41.82 15.25 -16.03
CA LEU G 2 -41.23 13.94 -15.80
C LEU G 2 -39.71 13.98 -15.78
N ARG G 3 -39.14 13.72 -14.61
CA ARG G 3 -37.69 13.72 -14.49
C ARG G 3 -37.21 12.28 -14.46
N THR G 4 -35.99 12.02 -14.95
CA THR G 4 -35.47 10.66 -14.92
C THR G 4 -34.60 10.55 -13.66
N MET G 5 -34.77 9.49 -12.88
CA MET G 5 -34.00 9.37 -11.65
C MET G 5 -33.52 8.00 -11.18
N LEU G 6 -32.45 8.03 -10.39
CA LEU G 6 -31.87 6.80 -9.87
C LEU G 6 -32.87 6.01 -9.08
N LYS G 7 -33.28 4.89 -9.66
CA LYS G 7 -34.24 4.00 -9.03
C LYS G 7 -33.53 2.87 -8.27
N SER G 8 -32.41 2.39 -8.81
CA SER G 8 -31.66 1.29 -8.19
C SER G 8 -30.18 1.30 -8.59
N LYS G 9 -29.32 0.65 -7.79
CA LYS G 9 -27.89 0.59 -8.06
C LYS G 9 -27.16 -0.46 -7.23
N ILE G 10 -26.51 -1.41 -7.90
CA ILE G 10 -25.74 -2.47 -7.25
C ILE G 10 -24.29 -1.97 -7.14
N HIS G 11 -23.93 -1.53 -5.96
CA HIS G 11 -22.62 -0.94 -5.73
C HIS G 11 -21.40 -1.86 -5.55
N ARG G 12 -20.43 -1.73 -6.45
CA ARG G 12 -19.18 -2.47 -6.38
C ARG G 12 -19.15 -4.00 -6.59
N ALA G 13 -19.99 -4.48 -7.50
CA ALA G 13 -20.00 -5.90 -7.77
C ALA G 13 -18.76 -6.24 -8.59
N THR G 14 -18.28 -7.48 -8.50
CA THR G 14 -17.11 -7.93 -9.25
C THR G 14 -17.57 -8.79 -10.42
N VAL G 15 -17.06 -8.50 -11.62
CA VAL G 15 -17.48 -9.25 -12.81
C VAL G 15 -17.08 -10.71 -12.77
N THR G 16 -18.07 -11.56 -12.50
CA THR G 16 -17.89 -13.00 -12.43
C THR G 16 -17.30 -13.62 -13.70
N CYS G 17 -18.08 -13.62 -14.78
CA CYS G 17 -17.66 -14.19 -16.03
C CYS G 17 -17.78 -13.14 -17.13
N ALA G 18 -17.56 -13.57 -18.37
CA ALA G 18 -17.65 -12.71 -19.55
C ALA G 18 -17.54 -13.58 -20.80
N ASP G 19 -18.51 -13.43 -21.71
CA ASP G 19 -18.51 -14.22 -22.94
C ASP G 19 -18.96 -13.45 -24.16
N LEU G 20 -18.02 -13.26 -25.08
CA LEU G 20 -18.26 -12.52 -26.30
C LEU G 20 -19.42 -13.07 -27.12
N HIS G 21 -19.45 -14.38 -27.33
CA HIS G 21 -20.53 -14.98 -28.11
C HIS G 21 -21.76 -15.33 -27.29
N TYR G 22 -22.90 -15.42 -27.97
CA TYR G 22 -24.18 -15.69 -27.34
C TYR G 22 -24.47 -14.47 -26.41
N VAL G 23 -25.65 -13.86 -26.58
CA VAL G 23 -26.00 -12.67 -25.80
C VAL G 23 -27.02 -12.78 -24.68
N GLY G 24 -26.82 -11.90 -23.71
CA GLY G 24 -27.66 -11.81 -22.54
C GLY G 24 -27.26 -10.58 -21.73
N SER G 25 -26.71 -9.59 -22.43
CA SER G 25 -26.26 -8.34 -21.81
C SER G 25 -25.52 -8.65 -20.51
N VAL G 26 -26.17 -8.32 -19.39
CA VAL G 26 -25.62 -8.55 -18.05
C VAL G 26 -26.55 -9.51 -17.35
N THR G 27 -26.04 -10.65 -16.91
CA THR G 27 -26.85 -11.62 -16.19
C THR G 27 -26.51 -11.47 -14.72
N ILE G 28 -27.48 -11.03 -13.92
CA ILE G 28 -27.24 -10.80 -12.48
C ILE G 28 -27.85 -11.82 -11.53
N ASP G 29 -27.17 -12.02 -10.40
CA ASP G 29 -27.62 -12.96 -9.37
C ASP G 29 -29.06 -12.60 -9.01
N ALA G 30 -29.96 -13.57 -9.14
CA ALA G 30 -31.37 -13.35 -8.83
C ALA G 30 -31.53 -12.48 -7.59
N ASP G 31 -30.92 -12.93 -6.50
CA ASP G 31 -31.00 -12.21 -5.23
C ASP G 31 -30.68 -10.72 -5.41
N LEU G 32 -29.69 -10.43 -6.24
CA LEU G 32 -29.29 -9.05 -6.48
C LEU G 32 -30.35 -8.29 -7.24
N MET G 33 -31.00 -8.94 -8.20
CA MET G 33 -32.03 -8.26 -8.97
C MET G 33 -33.25 -7.92 -8.12
N ASP G 34 -33.57 -8.78 -7.15
CA ASP G 34 -34.71 -8.55 -6.25
C ASP G 34 -34.30 -7.52 -5.19
N ALA G 35 -33.10 -7.69 -4.64
CA ALA G 35 -32.57 -6.78 -3.64
C ALA G 35 -32.53 -5.35 -4.21
N ALA G 36 -31.95 -5.24 -5.40
CA ALA G 36 -31.84 -3.96 -6.10
C ALA G 36 -33.09 -3.69 -6.93
N ASP G 37 -34.12 -4.51 -6.77
CA ASP G 37 -35.35 -4.34 -7.52
C ASP G 37 -35.07 -4.09 -8.99
N LEU G 38 -34.84 -5.16 -9.74
CA LEU G 38 -34.57 -5.06 -11.17
C LEU G 38 -35.39 -6.18 -11.81
N LEU G 39 -35.94 -5.94 -13.00
CA LEU G 39 -36.73 -6.97 -13.64
C LEU G 39 -35.95 -7.53 -14.82
N GLU G 40 -36.07 -8.82 -15.03
CA GLU G 40 -35.40 -9.43 -16.17
C GLU G 40 -35.87 -8.61 -17.35
N GLY G 41 -34.93 -7.91 -17.97
CA GLY G 41 -35.26 -7.07 -19.10
C GLY G 41 -35.52 -5.69 -18.56
N GLU G 42 -34.46 -4.89 -18.48
CA GLU G 42 -34.59 -3.55 -17.96
C GLU G 42 -33.27 -2.87 -18.22
N GLN G 43 -33.33 -1.69 -18.85
CA GLN G 43 -32.13 -0.94 -19.17
C GLN G 43 -31.27 -0.76 -17.92
N VAL G 44 -30.01 -1.20 -18.03
CA VAL G 44 -29.09 -1.06 -16.93
C VAL G 44 -27.82 -0.40 -17.44
N THR G 45 -27.21 0.44 -16.61
CA THR G 45 -25.98 1.13 -16.97
C THR G 45 -24.86 0.44 -16.20
N ILE G 46 -23.69 0.34 -16.82
CA ILE G 46 -22.54 -0.29 -16.18
C ILE G 46 -21.37 0.68 -16.24
N VAL G 47 -20.63 0.78 -15.14
CA VAL G 47 -19.47 1.64 -15.09
C VAL G 47 -18.37 0.82 -14.45
N ASP G 48 -17.31 0.63 -15.21
CA ASP G 48 -16.17 -0.18 -14.81
C ASP G 48 -15.10 0.63 -14.06
N ILE G 49 -15.02 0.44 -12.74
CA ILE G 49 -14.06 1.17 -11.91
C ILE G 49 -12.60 0.97 -12.32
N ASP G 50 -12.29 -0.21 -12.83
CA ASP G 50 -10.91 -0.49 -13.20
C ASP G 50 -10.51 0.24 -14.49
N ASN G 51 -11.46 0.43 -15.41
CA ASN G 51 -11.11 1.06 -16.68
C ASN G 51 -12.10 2.05 -17.25
N GLY G 52 -12.87 2.67 -16.38
CA GLY G 52 -13.84 3.68 -16.78
C GLY G 52 -14.80 3.46 -17.95
N ALA G 53 -15.09 2.20 -18.31
CA ALA G 53 -16.00 1.92 -19.42
C ALA G 53 -17.44 2.31 -19.05
N ARG G 54 -18.31 2.47 -20.04
CA ARG G 54 -19.70 2.83 -19.77
C ARG G 54 -20.65 2.25 -20.82
N LEU G 55 -21.58 1.42 -20.37
CA LEU G 55 -22.51 0.76 -21.27
C LEU G 55 -23.95 0.89 -20.81
N VAL G 56 -24.85 0.65 -21.74
CA VAL G 56 -26.27 0.70 -21.45
C VAL G 56 -26.87 -0.54 -22.07
N THR G 57 -27.48 -1.39 -21.26
CA THR G 57 -28.04 -2.62 -21.77
C THR G 57 -29.16 -3.13 -20.87
N TYR G 58 -29.76 -4.26 -21.24
CA TYR G 58 -30.81 -4.85 -20.42
C TYR G 58 -30.18 -5.80 -19.42
N ALA G 59 -30.93 -6.19 -18.39
CA ALA G 59 -30.37 -7.10 -17.38
C ALA G 59 -31.01 -8.47 -17.47
N ILE G 60 -30.22 -9.51 -17.21
CA ILE G 60 -30.70 -10.89 -17.24
C ILE G 60 -30.57 -11.60 -15.88
N THR G 61 -31.66 -12.20 -15.43
CA THR G 61 -31.68 -12.90 -14.15
C THR G 61 -30.79 -14.15 -14.15
N GLY G 62 -29.80 -14.14 -13.27
CA GLY G 62 -28.89 -15.26 -13.12
C GLY G 62 -29.28 -16.11 -11.93
N GLU G 63 -28.58 -17.22 -11.70
CA GLU G 63 -28.89 -18.12 -10.59
C GLU G 63 -28.61 -17.42 -9.25
N ARG G 64 -29.31 -17.84 -8.19
CA ARG G 64 -29.14 -17.25 -6.86
C ARG G 64 -27.89 -17.68 -6.10
N GLY G 65 -27.37 -16.76 -5.31
CA GLY G 65 -26.20 -17.02 -4.50
C GLY G 65 -24.94 -17.26 -5.30
N SER G 66 -25.11 -17.56 -6.59
CA SER G 66 -23.98 -17.81 -7.49
C SER G 66 -23.17 -16.53 -7.62
N GLY G 67 -23.73 -15.43 -7.12
CA GLY G 67 -23.02 -14.18 -7.20
C GLY G 67 -22.60 -13.92 -8.63
N VAL G 68 -23.42 -14.39 -9.56
CA VAL G 68 -23.15 -14.21 -10.99
C VAL G 68 -23.30 -12.78 -11.37
N ILE G 69 -22.41 -12.33 -12.24
CA ILE G 69 -22.41 -10.96 -12.78
C ILE G 69 -21.65 -11.05 -14.08
N GLY G 70 -22.34 -11.52 -15.12
CA GLY G 70 -21.69 -11.69 -16.41
C GLY G 70 -22.09 -10.69 -17.46
N ILE G 71 -21.15 -10.47 -18.39
CA ILE G 71 -21.34 -9.54 -19.50
C ILE G 71 -21.32 -10.38 -20.79
N ASN G 72 -22.49 -10.56 -21.41
CA ASN G 72 -22.60 -11.36 -22.62
C ASN G 72 -22.63 -10.58 -23.91
N GLY G 73 -21.67 -10.91 -24.78
CA GLY G 73 -21.55 -10.27 -26.09
C GLY G 73 -21.38 -8.76 -26.20
N ALA G 74 -20.40 -8.34 -27.02
CA ALA G 74 -20.12 -6.92 -27.28
C ALA G 74 -19.54 -6.19 -26.07
N ALA G 75 -20.35 -6.10 -25.03
CA ALA G 75 -19.95 -5.45 -23.79
C ALA G 75 -18.85 -6.29 -23.21
N ALA G 76 -18.61 -7.43 -23.86
CA ALA G 76 -17.57 -8.37 -23.44
C ALA G 76 -16.24 -7.66 -23.62
N HIS G 77 -16.23 -6.66 -24.49
CA HIS G 77 -15.05 -5.85 -24.69
C HIS G 77 -15.37 -4.80 -23.63
N LEU G 78 -14.58 -3.74 -23.54
CA LEU G 78 -14.88 -2.68 -22.56
C LEU G 78 -14.91 -3.14 -21.11
N VAL G 79 -15.82 -4.05 -20.78
CA VAL G 79 -15.92 -4.56 -19.42
C VAL G 79 -15.44 -6.00 -19.36
N HIS G 80 -14.65 -6.32 -18.34
CA HIS G 80 -14.06 -7.65 -18.19
C HIS G 80 -14.20 -8.31 -16.82
N PRO G 81 -13.85 -9.60 -16.74
CA PRO G 81 -13.92 -10.33 -15.48
C PRO G 81 -12.93 -9.73 -14.51
N GLY G 82 -13.23 -9.85 -13.22
CA GLY G 82 -12.36 -9.33 -12.18
C GLY G 82 -12.48 -7.83 -12.03
N ASP G 83 -13.36 -7.24 -12.84
CA ASP G 83 -13.55 -5.80 -12.81
C ASP G 83 -14.61 -5.41 -11.79
N LEU G 84 -14.36 -4.33 -11.08
CA LEU G 84 -15.32 -3.83 -10.13
C LEU G 84 -16.13 -2.84 -10.92
N VAL G 85 -17.40 -3.14 -11.15
CA VAL G 85 -18.28 -2.26 -11.92
C VAL G 85 -19.45 -1.81 -11.07
N ILE G 86 -20.23 -0.90 -11.61
CA ILE G 86 -21.39 -0.44 -10.89
C ILE G 86 -22.56 -0.56 -11.83
N LEU G 87 -23.69 -1.08 -11.33
CA LEU G 87 -24.89 -1.23 -12.13
C LEU G 87 -25.87 -0.14 -11.72
N ILE G 88 -26.48 0.51 -12.70
CA ILE G 88 -27.40 1.58 -12.38
C ILE G 88 -28.66 1.45 -13.24
N ALA G 89 -29.82 1.69 -12.63
CA ALA G 89 -31.09 1.64 -13.33
C ALA G 89 -31.89 2.89 -12.96
N TYR G 90 -32.15 3.76 -13.93
CA TYR G 90 -32.89 4.97 -13.65
C TYR G 90 -34.37 4.72 -13.75
N ALA G 91 -35.14 5.75 -14.05
CA ALA G 91 -36.58 5.63 -14.17
C ALA G 91 -37.24 7.00 -14.20
N THR G 92 -37.96 7.30 -15.28
CA THR G 92 -38.63 8.59 -15.37
C THR G 92 -39.81 8.56 -14.41
N MET G 93 -40.04 9.66 -13.70
CA MET G 93 -41.14 9.76 -12.72
C MET G 93 -41.75 11.14 -12.69
N ASP G 94 -42.94 11.22 -12.11
CA ASP G 94 -43.63 12.49 -11.97
C ASP G 94 -42.81 13.30 -10.99
N ASP G 95 -42.67 14.60 -11.25
CA ASP G 95 -41.90 15.49 -10.37
C ASP G 95 -42.23 15.29 -8.89
N ALA G 96 -43.39 14.69 -8.62
CA ALA G 96 -43.84 14.43 -7.25
C ALA G 96 -43.05 13.26 -6.65
N ARG G 97 -43.18 12.11 -7.29
CA ARG G 97 -42.50 10.90 -6.85
C ARG G 97 -41.03 11.24 -6.76
N ALA G 98 -40.59 12.03 -7.72
CA ALA G 98 -39.20 12.47 -7.82
C ALA G 98 -38.64 12.93 -6.48
N ARG G 99 -39.34 13.86 -5.83
CA ARG G 99 -38.93 14.42 -4.56
C ARG G 99 -38.66 13.41 -3.46
N THR G 100 -39.70 12.68 -3.07
CA THR G 100 -39.59 11.68 -2.01
C THR G 100 -39.46 10.29 -2.63
N TYR G 101 -38.27 9.72 -2.56
CA TYR G 101 -38.06 8.40 -3.10
C TYR G 101 -36.77 7.78 -2.60
N GLN G 102 -36.86 6.56 -2.07
CA GLN G 102 -35.69 5.87 -1.56
C GLN G 102 -35.18 4.88 -2.61
N PRO G 103 -34.04 5.21 -3.27
CA PRO G 103 -33.46 4.34 -4.28
C PRO G 103 -32.92 3.04 -3.69
N ARG G 104 -33.34 1.92 -4.26
CA ARG G 104 -32.88 0.61 -3.79
C ARG G 104 -31.40 0.45 -4.07
N ILE G 105 -30.59 0.83 -3.09
CA ILE G 105 -29.15 0.74 -3.23
C ILE G 105 -28.63 -0.50 -2.55
N VAL G 106 -27.84 -1.29 -3.27
CA VAL G 106 -27.30 -2.55 -2.74
C VAL G 106 -25.78 -2.61 -2.64
N PHE G 107 -25.24 -2.46 -1.43
CA PHE G 107 -23.79 -2.56 -1.25
C PHE G 107 -23.56 -4.04 -1.42
N VAL G 108 -22.35 -4.47 -1.77
CA VAL G 108 -22.18 -5.90 -1.93
C VAL G 108 -20.86 -6.46 -1.39
N ASP G 109 -20.81 -7.79 -1.29
CA ASP G 109 -19.66 -8.56 -0.78
C ASP G 109 -18.59 -8.83 -1.87
N ALA G 110 -17.36 -9.09 -1.46
CA ALA G 110 -16.29 -9.37 -2.42
C ALA G 110 -16.67 -10.63 -3.20
N TYR G 111 -17.76 -11.24 -2.78
CA TYR G 111 -18.30 -12.45 -3.39
C TYR G 111 -19.70 -12.17 -3.94
N ASN G 112 -20.10 -10.90 -3.90
CA ASN G 112 -21.42 -10.45 -4.38
C ASN G 112 -22.57 -11.01 -3.55
N LYS G 113 -22.97 -10.27 -2.52
CA LYS G 113 -24.06 -10.71 -1.67
C LYS G 113 -24.89 -9.61 -0.96
N PRO G 114 -24.34 -8.79 -0.19
N MET H 1 -47.67 14.64 -28.19
CA MET H 1 -46.75 13.50 -27.93
C MET H 1 -45.86 13.93 -26.79
N LEU H 2 -44.89 13.09 -26.46
CA LEU H 2 -43.98 13.44 -25.40
C LEU H 2 -42.58 13.65 -25.97
N ARG H 3 -42.06 14.87 -25.78
CA ARG H 3 -40.72 15.26 -26.22
C ARG H 3 -39.82 15.42 -25.00
N THR H 4 -38.55 15.04 -25.13
CA THR H 4 -37.62 15.18 -24.01
C THR H 4 -36.93 16.54 -24.12
N MET H 5 -37.00 17.36 -23.06
CA MET H 5 -36.42 18.67 -23.15
C MET H 5 -35.57 19.21 -22.00
N LEU H 6 -34.72 20.18 -22.33
CA LEU H 6 -33.82 20.81 -21.37
C LEU H 6 -34.61 21.52 -20.26
N LYS H 7 -34.58 20.90 -19.09
CA LYS H 7 -35.28 21.39 -17.93
C LYS H 7 -34.37 22.28 -17.09
N SER H 8 -33.11 21.88 -16.94
CA SER H 8 -32.16 22.66 -16.15
C SER H 8 -30.72 22.47 -16.60
N LYS H 9 -29.87 23.44 -16.28
CA LYS H 9 -28.46 23.42 -16.66
C LYS H 9 -27.55 24.35 -15.84
N ILE H 10 -26.54 23.79 -15.20
CA ILE H 10 -25.56 24.55 -14.41
C ILE H 10 -24.37 24.81 -15.34
N HIS H 11 -24.35 26.03 -15.89
CA HIS H 11 -23.35 26.46 -16.86
C HIS H 11 -21.95 26.86 -16.39
N ARG H 12 -20.95 26.04 -16.74
CA ARG H 12 -19.53 26.28 -16.46
C ARG H 12 -19.01 26.15 -15.04
N ALA H 13 -19.51 25.18 -14.30
CA ALA H 13 -19.03 25.00 -12.93
C ALA H 13 -17.62 24.38 -12.98
N THR H 14 -16.84 24.60 -11.93
CA THR H 14 -15.50 24.04 -11.85
C THR H 14 -15.51 22.83 -10.94
N VAL H 15 -14.98 21.70 -11.41
CA VAL H 15 -14.96 20.49 -10.61
C VAL H 15 -14.09 20.64 -9.34
N THR H 16 -14.78 20.71 -8.20
CA THR H 16 -14.18 20.85 -6.88
C THR H 16 -13.26 19.72 -6.47
N CYS H 17 -13.82 18.53 -6.29
CA CYS H 17 -13.05 17.34 -5.88
C CYS H 17 -13.35 16.19 -6.85
N ALA H 18 -12.88 15.00 -6.49
CA ALA H 18 -13.08 13.80 -7.29
C ALA H 18 -12.51 12.59 -6.58
N ASP H 19 -13.34 11.57 -6.37
CA ASP H 19 -12.90 10.36 -5.68
C ASP H 19 -13.36 9.07 -6.32
N LEU H 20 -12.39 8.28 -6.78
CA LEU H 20 -12.66 7.02 -7.46
C LEU H 20 -13.45 6.01 -6.64
N HIS H 21 -13.10 5.90 -5.36
CA HIS H 21 -13.80 4.97 -4.50
C HIS H 21 -14.97 5.61 -3.72
N TYR H 22 -15.93 4.78 -3.34
CA TYR H 22 -17.13 5.26 -2.67
C TYR H 22 -17.90 6.09 -3.70
N VAL H 23 -19.15 5.72 -3.95
CA VAL H 23 -19.94 6.41 -4.96
C VAL H 23 -20.99 7.47 -4.49
N GLY H 24 -21.22 8.43 -5.39
CA GLY H 24 -22.16 9.51 -5.18
C GLY H 24 -22.31 10.31 -6.47
N SER H 25 -22.01 9.65 -7.58
CA SER H 25 -22.09 10.25 -8.91
C SER H 25 -21.56 11.66 -8.81
N VAL H 26 -22.45 12.62 -8.94
CA VAL H 26 -22.07 14.02 -8.85
C VAL H 26 -22.76 14.66 -7.66
N THR H 27 -21.95 15.17 -6.73
CA THR H 27 -22.48 15.84 -5.54
C THR H 27 -22.42 17.34 -5.79
N ILE H 28 -23.59 17.97 -5.86
CA ILE H 28 -23.67 19.40 -6.16
C ILE H 28 -24.06 20.27 -4.97
N ASP H 29 -23.54 21.49 -4.96
CA ASP H 29 -23.82 22.47 -3.91
C ASP H 29 -25.34 22.60 -3.82
N ALA H 30 -25.86 22.41 -2.61
CA ALA H 30 -27.28 22.48 -2.36
C ALA H 30 -27.88 23.69 -3.07
N ASP H 31 -27.32 24.86 -2.82
CA ASP H 31 -27.82 26.07 -3.44
C ASP H 31 -27.96 25.91 -4.96
N LEU H 32 -26.96 25.28 -5.57
CA LEU H 32 -27.00 25.08 -7.01
C LEU H 32 -28.15 24.17 -7.44
N MET H 33 -28.40 23.09 -6.69
CA MET H 33 -29.47 22.16 -7.03
C MET H 33 -30.83 22.82 -6.94
N ASP H 34 -31.00 23.70 -5.97
CA ASP H 34 -32.26 24.39 -5.82
C ASP H 34 -32.35 25.42 -6.92
N ALA H 35 -31.26 26.17 -7.09
CA ALA H 35 -31.16 27.22 -8.11
C ALA H 35 -31.46 26.65 -9.50
N ALA H 36 -30.86 25.51 -9.80
CA ALA H 36 -31.03 24.84 -11.06
C ALA H 36 -32.15 23.84 -10.96
N ASP H 37 -32.85 23.85 -9.83
CA ASP H 37 -33.96 22.92 -9.64
C ASP H 37 -33.55 21.50 -10.05
N LEU H 38 -32.98 20.78 -9.11
CA LEU H 38 -32.55 19.40 -9.30
C LEU H 38 -32.87 18.68 -8.00
N LEU H 39 -33.32 17.43 -8.09
CA LEU H 39 -33.63 16.69 -6.88
C LEU H 39 -32.55 15.66 -6.61
N GLU H 40 -32.19 15.50 -5.34
CA GLU H 40 -31.18 14.50 -4.99
C GLU H 40 -31.71 13.23 -5.64
N GLY H 41 -30.94 12.72 -6.60
CA GLY H 41 -31.35 11.52 -7.31
C GLY H 41 -32.12 12.02 -8.51
N GLU H 42 -31.42 12.18 -9.62
CA GLU H 42 -32.03 12.66 -10.85
C GLU H 42 -30.95 12.58 -11.93
N GLN H 43 -31.29 12.00 -13.07
CA GLN H 43 -30.34 11.87 -14.17
C GLN H 43 -29.75 13.21 -14.57
N VAL H 44 -28.44 13.31 -14.47
CA VAL H 44 -27.73 14.52 -14.83
C VAL H 44 -26.62 14.17 -15.82
N THR H 45 -26.48 14.99 -16.86
CA THR H 45 -25.47 14.76 -17.86
C THR H 45 -24.36 15.73 -17.56
N ILE H 46 -23.13 15.29 -17.80
CA ILE H 46 -21.93 16.10 -17.58
C ILE H 46 -21.10 16.20 -18.87
N VAL H 47 -20.72 17.41 -19.24
CA VAL H 47 -19.88 17.57 -20.42
C VAL H 47 -18.67 18.38 -19.95
N ASP H 48 -17.47 17.82 -20.17
CA ASP H 48 -16.21 18.41 -19.73
C ASP H 48 -15.56 19.26 -20.79
N ILE H 49 -15.65 20.59 -20.62
CA ILE H 49 -15.07 21.56 -21.52
C ILE H 49 -13.57 21.32 -21.79
N ASP H 50 -12.80 20.99 -20.76
CA ASP H 50 -11.38 20.77 -20.95
C ASP H 50 -11.06 19.53 -21.80
N ASN H 51 -11.85 18.47 -21.69
CA ASN H 51 -11.54 17.26 -22.43
C ASN H 51 -12.66 16.54 -23.17
N GLY H 52 -13.78 17.20 -23.39
CA GLY H 52 -14.90 16.59 -24.12
C GLY H 52 -15.56 15.30 -23.62
N ALA H 53 -15.40 14.98 -22.34
CA ALA H 53 -16.01 13.78 -21.76
C ALA H 53 -17.51 13.94 -21.70
N ARG H 54 -18.24 12.85 -21.56
CA ARG H 54 -19.69 12.91 -21.49
C ARG H 54 -20.29 11.78 -20.67
N LEU H 55 -20.90 12.12 -19.54
CA LEU H 55 -21.49 11.11 -18.68
C LEU H 55 -22.96 11.34 -18.38
N VAL H 56 -23.61 10.30 -17.89
CA VAL H 56 -25.01 10.38 -17.51
C VAL H 56 -25.14 9.70 -16.18
N THR H 57 -25.50 10.47 -15.16
CA THR H 57 -25.60 9.92 -13.84
C THR H 57 -26.56 10.71 -12.97
N TYR H 58 -26.74 10.25 -11.73
CA TYR H 58 -27.63 10.93 -10.80
C TYR H 58 -26.85 12.03 -10.10
N ALA H 59 -27.57 12.88 -9.37
CA ALA H 59 -26.93 13.99 -8.69
C ALA H 59 -27.19 13.86 -7.22
N ILE H 60 -26.18 14.24 -6.44
CA ILE H 60 -26.27 14.18 -5.01
C ILE H 60 -26.12 15.58 -4.38
N THR H 61 -26.99 15.88 -3.42
CA THR H 61 -26.93 17.18 -2.78
C THR H 61 -25.71 17.34 -1.88
N GLY H 62 -24.90 18.36 -2.17
CA GLY H 62 -23.72 18.64 -1.36
C GLY H 62 -23.99 19.80 -0.40
N GLU H 63 -23.00 20.17 0.40
CA GLU H 63 -23.20 21.26 1.36
C GLU H 63 -23.32 22.61 0.64
N ARG H 64 -24.04 23.55 1.25
CA ARG H 64 -24.26 24.88 0.67
C ARG H 64 -23.04 25.79 0.69
N GLY H 65 -22.97 26.68 -0.29
CA GLY H 65 -21.88 27.62 -0.41
C GLY H 65 -20.50 27.01 -0.59
N SER H 66 -20.38 25.74 -0.21
CA SER H 66 -19.12 25.05 -0.33
C SER H 66 -18.72 25.02 -1.78
N GLY H 67 -19.66 25.39 -2.66
CA GLY H 67 -19.41 25.38 -4.10
C GLY H 67 -18.93 24.02 -4.57
N VAL H 68 -19.34 22.97 -3.85
CA VAL H 68 -18.95 21.59 -4.16
C VAL H 68 -19.51 21.13 -5.50
N ILE H 69 -18.70 20.34 -6.19
CA ILE H 69 -19.08 19.77 -7.46
C ILE H 69 -18.13 18.58 -7.59
N GLY H 70 -18.51 17.47 -6.96
CA GLY H 70 -17.68 16.28 -6.95
C GLY H 70 -18.19 15.15 -7.80
N ILE H 71 -17.24 14.41 -8.37
CA ILE H 71 -17.52 13.28 -9.23
C ILE H 71 -17.05 12.01 -8.51
N ASN H 72 -18.00 11.26 -7.96
CA ASN H 72 -17.65 10.05 -7.20
C ASN H 72 -17.71 8.75 -7.98
N GLY H 73 -16.58 8.06 -7.99
CA GLY H 73 -16.44 6.78 -8.65
C GLY H 73 -16.80 6.60 -10.12
N ALA H 74 -15.90 5.92 -10.85
CA ALA H 74 -16.07 5.63 -12.28
C ALA H 74 -15.92 6.89 -13.10
N ALA H 75 -16.85 7.80 -12.91
CA ALA H 75 -16.84 9.08 -13.60
C ALA H 75 -15.62 9.83 -13.12
N ALA H 76 -14.93 9.28 -12.12
CA ALA H 76 -13.72 9.90 -11.60
C ALA H 76 -12.65 9.88 -12.70
N HIS H 77 -12.82 8.98 -13.66
CA HIS H 77 -11.91 8.94 -14.79
C HIS H 77 -12.70 9.89 -15.69
N LEU H 78 -12.30 10.10 -16.93
CA LEU H 78 -13.05 10.98 -17.81
C LEU H 78 -13.15 12.46 -17.34
N VAL H 79 -13.84 12.70 -16.21
CA VAL H 79 -14.00 14.05 -15.66
C VAL H 79 -13.13 14.25 -14.44
N HIS H 80 -12.39 15.35 -14.40
CA HIS H 80 -11.46 15.60 -13.31
C HIS H 80 -11.56 16.94 -12.60
N PRO H 81 -10.88 17.06 -11.44
CA PRO H 81 -10.92 18.33 -10.70
C PRO H 81 -10.30 19.42 -11.56
N GLY H 82 -10.66 20.67 -11.29
CA GLY H 82 -10.14 21.79 -12.07
C GLY H 82 -10.68 21.84 -13.49
N ASP H 83 -11.65 20.98 -13.77
CA ASP H 83 -12.27 20.89 -15.09
C ASP H 83 -13.56 21.73 -15.15
N LEU H 84 -13.71 22.49 -16.21
CA LEU H 84 -14.92 23.29 -16.37
C LEU H 84 -15.88 22.37 -17.08
N VAL H 85 -16.94 21.97 -16.40
CA VAL H 85 -17.92 21.08 -16.99
C VAL H 85 -19.26 21.76 -17.07
N ILE H 86 -20.24 21.04 -17.60
CA ILE H 86 -21.60 21.56 -17.73
C ILE H 86 -22.53 20.45 -17.31
N LEU H 87 -23.48 20.78 -16.44
CA LEU H 87 -24.43 19.79 -15.97
C LEU H 87 -25.74 20.04 -16.69
N ILE H 88 -26.37 18.98 -17.18
CA ILE H 88 -27.64 19.18 -17.90
C ILE H 88 -28.70 18.20 -17.43
N ALA H 89 -29.91 18.70 -17.21
CA ALA H 89 -30.99 17.83 -16.81
C ALA H 89 -32.19 18.07 -17.72
N TYR H 90 -32.56 17.04 -18.50
CA TYR H 90 -33.69 17.12 -19.43
C TYR H 90 -34.99 16.74 -18.72
N ALA H 91 -36.00 16.35 -19.46
CA ALA H 91 -37.27 15.95 -18.88
C ALA H 91 -38.28 15.80 -20.00
N THR H 92 -38.91 14.63 -20.06
CA THR H 92 -39.92 14.38 -21.07
C THR H 92 -41.16 15.17 -20.65
N MET H 93 -41.86 15.74 -21.63
CA MET H 93 -43.04 16.53 -21.34
C MET H 93 -44.02 16.46 -22.50
N ASP H 94 -45.26 16.86 -22.22
CA ASP H 94 -46.32 16.85 -23.22
C ASP H 94 -45.97 17.96 -24.21
N ASP H 95 -46.16 17.68 -25.49
CA ASP H 95 -45.87 18.65 -26.53
C ASP H 95 -46.37 20.08 -26.21
N ALA H 96 -47.28 20.18 -25.24
CA ALA H 96 -47.85 21.44 -24.82
C ALA H 96 -46.84 22.18 -23.96
N ARG H 97 -46.51 21.59 -22.82
CA ARG H 97 -45.54 22.19 -21.91
C ARG H 97 -44.25 22.50 -22.70
N ALA H 98 -43.91 21.59 -23.62
CA ALA H 98 -42.73 21.70 -24.47
C ALA H 98 -42.57 23.08 -25.09
N ARG H 99 -43.63 23.58 -25.70
CA ARG H 99 -43.60 24.89 -26.34
C ARG H 99 -43.16 26.02 -25.42
N THR H 100 -43.97 26.29 -24.40
CA THR H 100 -43.69 27.36 -23.44
C THR H 100 -43.09 26.80 -22.17
N TYR H 101 -41.80 27.06 -21.98
CA TYR H 101 -41.07 26.59 -20.81
C TYR H 101 -39.75 27.34 -20.65
N GLN H 102 -39.52 27.85 -19.46
CA GLN H 102 -38.28 28.56 -19.16
C GLN H 102 -37.36 27.58 -18.40
N PRO H 103 -36.30 27.07 -19.06
CA PRO H 103 -35.35 26.14 -18.44
C PRO H 103 -34.56 26.85 -17.38
N ARG H 104 -34.48 26.25 -16.20
CA ARG H 104 -33.75 26.84 -15.09
C ARG H 104 -32.23 26.76 -15.36
N ILE H 105 -31.72 27.82 -15.97
CA ILE H 105 -30.32 27.91 -16.32
C ILE H 105 -29.58 28.72 -15.27
N VAL H 106 -28.46 28.18 -14.81
CA VAL H 106 -27.66 28.81 -13.78
C VAL H 106 -26.22 29.14 -14.21
N PHE H 107 -25.93 30.43 -14.47
CA PHE H 107 -24.56 30.82 -14.82
C PHE H 107 -23.90 30.78 -13.45
N VAL H 108 -22.60 30.51 -13.39
CA VAL H 108 -21.94 30.40 -12.11
C VAL H 108 -20.59 31.09 -11.96
N ASP H 109 -20.19 31.26 -10.71
CA ASP H 109 -18.94 31.93 -10.33
C ASP H 109 -17.69 31.03 -10.43
N ALA H 110 -16.52 31.64 -10.57
CA ALA H 110 -15.28 30.86 -10.65
C ALA H 110 -15.11 30.10 -9.35
N TYR H 111 -16.05 30.34 -8.45
CA TYR H 111 -16.06 29.71 -7.15
C TYR H 111 -17.36 28.96 -7.00
N ASN H 112 -18.13 28.90 -8.09
CA ASN H 112 -19.42 28.22 -8.13
C ASN H 112 -20.46 28.89 -7.23
N LYS H 113 -21.22 29.86 -7.77
CA LYS H 113 -22.24 30.57 -6.96
C LYS H 113 -23.50 31.11 -7.67
N PRO H 114 -23.35 31.99 -8.54
#